data_2LIF
#
_entry.id   2LIF
#
_entity_poly.entity_id   1
_entity_poly.type   'polypeptide(L)'
_entity_poly.pdbx_seq_one_letter_code
;KKGFPFSIFLLALLSCITVPVSAAQVK
;
_entity_poly.pdbx_strand_id   A
#
# COMPACT_ATOMS: atom_id res chain seq x y z
N LYS A 1 -9.73 -11.43 -16.87
CA LYS A 1 -10.65 -10.33 -17.31
C LYS A 1 -9.84 -9.12 -17.81
N LYS A 2 -10.42 -8.32 -18.67
CA LYS A 2 -9.70 -7.12 -19.21
C LYS A 2 -10.40 -5.84 -18.74
N GLY A 3 -9.84 -5.16 -17.77
CA GLY A 3 -10.46 -3.89 -17.25
C GLY A 3 -9.38 -2.83 -17.00
N PHE A 4 -9.27 -2.35 -15.78
CA PHE A 4 -8.24 -1.32 -15.46
C PHE A 4 -7.31 -1.82 -14.34
N PRO A 5 -6.02 -1.63 -14.53
CA PRO A 5 -5.02 -2.07 -13.53
C PRO A 5 -4.83 -1.00 -12.43
N PHE A 6 -5.81 -0.83 -11.58
CA PHE A 6 -5.71 0.19 -10.48
C PHE A 6 -5.20 -0.46 -9.19
N SER A 7 -5.55 -1.70 -8.96
CA SER A 7 -5.11 -2.44 -7.73
C SER A 7 -3.58 -2.45 -7.62
N ILE A 8 -2.89 -2.41 -8.74
CA ILE A 8 -1.39 -2.39 -8.73
C ILE A 8 -0.92 -1.13 -8.02
N PHE A 9 -1.55 0.00 -8.29
CA PHE A 9 -1.16 1.27 -7.62
C PHE A 9 -1.61 1.23 -6.15
N LEU A 10 -2.72 0.58 -5.87
CA LEU A 10 -3.21 0.47 -4.46
C LEU A 10 -2.23 -0.39 -3.67
N LEU A 11 -1.85 -1.52 -4.23
CA LEU A 11 -0.88 -2.42 -3.55
C LEU A 11 0.48 -1.72 -3.48
N ALA A 12 0.90 -1.07 -4.55
CA ALA A 12 2.21 -0.34 -4.53
C ALA A 12 2.13 0.75 -3.45
N LEU A 13 1.03 1.48 -3.42
CA LEU A 13 0.86 2.55 -2.40
C LEU A 13 0.78 1.90 -1.01
N LEU A 14 0.08 0.79 -0.88
CA LEU A 14 -0.02 0.08 0.44
C LEU A 14 1.37 -0.32 0.93
N SER A 15 2.25 -0.74 0.04
CA SER A 15 3.63 -1.12 0.46
C SER A 15 4.39 0.11 0.96
N CYS A 16 4.12 1.25 0.38
CA CYS A 16 4.79 2.52 0.81
C CYS A 16 4.22 2.98 2.15
N ILE A 17 2.93 2.88 2.33
CA ILE A 17 2.30 3.31 3.63
C ILE A 17 2.44 2.24 4.74
N THR A 18 2.91 1.06 4.42
CA THR A 18 3.08 -0.01 5.46
C THR A 18 4.55 -0.16 5.91
N VAL A 19 5.46 0.66 5.40
CA VAL A 19 6.90 0.53 5.83
C VAL A 19 7.10 1.07 7.27
N PRO A 20 6.63 2.28 7.56
CA PRO A 20 6.81 2.85 8.93
C PRO A 20 5.86 2.23 9.97
N VAL A 21 4.90 1.40 9.57
CA VAL A 21 3.97 0.80 10.59
C VAL A 21 4.73 -0.12 11.55
N SER A 22 5.79 -0.75 11.09
CA SER A 22 6.59 -1.65 11.99
C SER A 22 7.23 -0.80 13.10
N ALA A 23 7.76 0.34 12.73
CA ALA A 23 8.39 1.27 13.71
C ALA A 23 7.34 1.81 14.68
N ALA A 24 6.11 1.92 14.24
CA ALA A 24 5.01 2.42 15.12
C ALA A 24 4.65 1.36 16.17
N GLN A 25 4.74 0.10 15.81
CA GLN A 25 4.41 -1.00 16.77
C GLN A 25 5.57 -1.25 17.76
N VAL A 26 6.81 -1.06 17.33
CA VAL A 26 7.98 -1.27 18.25
C VAL A 26 8.18 -0.09 19.22
N LYS A 27 7.52 1.02 19.00
CA LYS A 27 7.68 2.19 19.91
C LYS A 27 6.46 2.31 20.84
N LYS A 1 0.38 -13.63 -6.83
CA LYS A 1 0.06 -14.39 -8.09
C LYS A 1 -1.34 -14.01 -8.59
N LYS A 2 -1.51 -12.77 -8.97
CA LYS A 2 -2.84 -12.29 -9.47
C LYS A 2 -2.66 -11.05 -10.37
N GLY A 3 -3.60 -10.82 -11.27
CA GLY A 3 -3.50 -9.64 -12.19
C GLY A 3 -4.19 -8.43 -11.55
N PHE A 4 -3.44 -7.39 -11.27
CA PHE A 4 -4.05 -6.17 -10.64
C PHE A 4 -4.06 -4.99 -11.63
N PRO A 5 -5.24 -4.61 -12.09
CA PRO A 5 -5.35 -3.47 -13.04
C PRO A 5 -5.24 -2.13 -12.31
N PHE A 6 -6.19 -1.84 -11.46
CA PHE A 6 -6.16 -0.56 -10.67
C PHE A 6 -5.54 -0.84 -9.29
N SER A 7 -5.69 -2.06 -8.82
CA SER A 7 -5.13 -2.45 -7.48
C SER A 7 -3.59 -2.42 -7.51
N ILE A 8 -2.97 -2.47 -8.68
CA ILE A 8 -1.47 -2.44 -8.74
C ILE A 8 -0.97 -1.13 -8.10
N PHE A 9 -1.64 -0.03 -8.33
CA PHE A 9 -1.22 1.27 -7.72
C PHE A 9 -1.62 1.27 -6.25
N LEU A 10 -2.72 0.63 -5.92
CA LEU A 10 -3.19 0.55 -4.50
C LEU A 10 -2.19 -0.31 -3.72
N LEU A 11 -1.83 -1.43 -4.28
CA LEU A 11 -0.84 -2.35 -3.62
C LEU A 11 0.53 -1.65 -3.58
N ALA A 12 0.91 -1.01 -4.67
CA ALA A 12 2.23 -0.29 -4.70
C ALA A 12 2.19 0.80 -3.62
N LEU A 13 1.09 1.52 -3.54
CA LEU A 13 0.95 2.59 -2.49
C LEU A 13 0.87 1.93 -1.10
N LEU A 14 0.16 0.81 -1.00
CA LEU A 14 0.02 0.10 0.31
C LEU A 14 1.39 -0.31 0.86
N SER A 15 2.30 -0.73 0.00
CA SER A 15 3.66 -1.14 0.49
C SER A 15 4.36 0.05 1.16
N CYS A 16 4.15 1.22 0.64
CA CYS A 16 4.78 2.46 1.23
C CYS A 16 4.07 2.85 2.54
N ILE A 17 2.77 2.65 2.62
CA ILE A 17 2.01 3.02 3.87
C ILE A 17 1.96 1.86 4.90
N THR A 18 2.47 0.69 4.57
CA THR A 18 2.43 -0.48 5.53
C THR A 18 2.93 -0.09 6.93
N VAL A 19 3.98 0.70 7.03
CA VAL A 19 4.51 1.11 8.38
C VAL A 19 3.44 1.89 9.16
N PRO A 20 3.02 3.04 8.66
CA PRO A 20 1.98 3.85 9.37
C PRO A 20 0.63 3.10 9.45
N VAL A 21 0.38 2.19 8.55
CA VAL A 21 -0.92 1.41 8.57
C VAL A 21 -0.97 0.58 9.85
N SER A 22 0.07 -0.19 10.12
CA SER A 22 0.11 -1.03 11.36
C SER A 22 0.17 -0.14 12.62
N ALA A 23 0.79 1.01 12.51
CA ALA A 23 0.90 1.95 13.67
C ALA A 23 -0.45 2.64 13.92
N ALA A 24 -1.18 2.92 12.86
CA ALA A 24 -2.52 3.58 13.00
C ALA A 24 -3.56 2.62 13.58
N GLN A 25 -3.39 1.32 13.37
CA GLN A 25 -4.38 0.34 13.92
C GLN A 25 -4.09 0.06 15.41
N VAL A 26 -2.84 0.21 15.83
CA VAL A 26 -2.50 -0.05 17.27
C VAL A 26 -2.49 1.26 18.08
N LYS A 27 -1.97 2.30 17.52
CA LYS A 27 -1.91 3.63 18.22
C LYS A 27 -2.97 4.59 17.65
N LYS A 1 -12.82 -11.67 -9.83
CA LYS A 1 -12.34 -11.18 -11.17
C LYS A 1 -13.06 -9.88 -11.54
N LYS A 2 -12.32 -8.90 -12.01
CA LYS A 2 -12.94 -7.59 -12.41
C LYS A 2 -12.03 -6.83 -13.39
N GLY A 3 -12.59 -5.91 -14.14
CA GLY A 3 -11.79 -5.11 -15.12
C GLY A 3 -11.61 -3.70 -14.57
N PHE A 4 -11.01 -3.59 -13.39
CA PHE A 4 -10.79 -2.25 -12.77
C PHE A 4 -9.29 -2.02 -12.53
N PRO A 5 -8.76 -0.97 -13.12
CA PRO A 5 -7.31 -0.63 -12.96
C PRO A 5 -7.04 0.03 -11.60
N PHE A 6 -5.84 0.52 -11.41
CA PHE A 6 -5.41 1.18 -10.12
C PHE A 6 -5.31 0.16 -8.97
N SER A 7 -5.56 -1.11 -9.21
CA SER A 7 -5.44 -2.13 -8.13
C SER A 7 -3.96 -2.32 -7.84
N ILE A 8 -3.16 -2.41 -8.88
CA ILE A 8 -1.68 -2.56 -8.70
C ILE A 8 -1.14 -1.31 -7.99
N PHE A 9 -1.73 -0.16 -8.26
CA PHE A 9 -1.29 1.12 -7.62
C PHE A 9 -1.65 1.08 -6.12
N LEU A 10 -2.77 0.48 -5.78
CA LEU A 10 -3.18 0.38 -4.35
C LEU A 10 -2.17 -0.50 -3.60
N LEU A 11 -1.75 -1.58 -4.20
CA LEU A 11 -0.75 -2.48 -3.57
C LEU A 11 0.61 -1.77 -3.56
N ALA A 12 0.98 -1.18 -4.68
CA ALA A 12 2.28 -0.43 -4.76
C ALA A 12 2.28 0.66 -3.69
N LEU A 13 1.16 1.35 -3.55
CA LEU A 13 1.06 2.42 -2.50
C LEU A 13 0.98 1.75 -1.11
N LEU A 14 0.30 0.63 -1.01
CA LEU A 14 0.18 -0.10 0.30
C LEU A 14 1.55 -0.31 0.93
N SER A 15 2.55 -0.70 0.16
CA SER A 15 3.93 -0.91 0.73
C SER A 15 4.48 0.40 1.30
N CYS A 16 4.09 1.51 0.74
CA CYS A 16 4.57 2.84 1.24
C CYS A 16 3.81 3.19 2.53
N ILE A 17 2.55 2.81 2.63
CA ILE A 17 1.74 3.09 3.86
C ILE A 17 2.23 2.24 5.04
N THR A 18 2.69 1.05 4.78
CA THR A 18 3.19 0.16 5.88
C THR A 18 4.52 0.67 6.46
N VAL A 19 5.28 1.45 5.72
CA VAL A 19 6.58 1.97 6.26
C VAL A 19 6.36 2.84 7.52
N PRO A 20 5.56 3.90 7.42
CA PRO A 20 5.29 4.77 8.59
C PRO A 20 4.52 4.00 9.69
N VAL A 21 3.73 3.03 9.29
CA VAL A 21 2.96 2.23 10.29
C VAL A 21 3.94 1.48 11.20
N SER A 22 4.97 0.90 10.62
CA SER A 22 6.00 0.17 11.42
C SER A 22 6.70 1.13 12.38
N ALA A 23 6.94 2.34 11.93
CA ALA A 23 7.61 3.39 12.78
C ALA A 23 6.74 3.74 14.00
N ALA A 24 5.45 3.63 13.86
CA ALA A 24 4.52 3.95 14.99
C ALA A 24 4.40 2.74 15.94
N GLN A 25 4.44 1.54 15.42
CA GLN A 25 4.32 0.32 16.29
C GLN A 25 5.63 0.03 17.03
N VAL A 26 6.76 0.22 16.38
CA VAL A 26 8.09 -0.05 17.06
C VAL A 26 8.26 0.85 18.30
N LYS A 27 7.78 2.06 18.23
CA LYS A 27 7.88 3.01 19.37
C LYS A 27 6.74 2.75 20.37
N LYS A 1 -9.29 -6.62 -21.51
CA LYS A 1 -9.30 -5.47 -20.57
C LYS A 1 -9.54 -5.95 -19.13
N LYS A 2 -8.96 -5.28 -18.16
CA LYS A 2 -9.15 -5.70 -16.73
C LYS A 2 -10.21 -4.83 -16.01
N GLY A 3 -11.05 -4.14 -16.75
CA GLY A 3 -12.10 -3.28 -16.11
C GLY A 3 -11.43 -2.11 -15.39
N PHE A 4 -11.20 -2.24 -14.10
CA PHE A 4 -10.53 -1.17 -13.31
C PHE A 4 -9.25 -1.72 -12.67
N PRO A 5 -8.21 -1.86 -13.47
CA PRO A 5 -6.91 -2.39 -12.97
C PRO A 5 -6.13 -1.33 -12.15
N PHE A 6 -6.73 -0.83 -11.10
CA PHE A 6 -6.05 0.18 -10.24
C PHE A 6 -5.45 -0.48 -8.98
N SER A 7 -5.75 -1.74 -8.74
CA SER A 7 -5.20 -2.45 -7.53
C SER A 7 -3.67 -2.45 -7.57
N ILE A 8 -3.09 -2.46 -8.74
CA ILE A 8 -1.59 -2.46 -8.85
C ILE A 8 -1.03 -1.20 -8.17
N PHE A 9 -1.67 -0.06 -8.34
CA PHE A 9 -1.19 1.20 -7.70
C PHE A 9 -1.57 1.15 -6.21
N LEU A 10 -2.69 0.54 -5.89
CA LEU A 10 -3.14 0.43 -4.47
C LEU A 10 -2.14 -0.44 -3.71
N LEU A 11 -1.68 -1.50 -4.32
CA LEU A 11 -0.67 -2.39 -3.67
C LEU A 11 0.65 -1.63 -3.60
N ALA A 12 1.04 -0.98 -4.68
CA ALA A 12 2.32 -0.21 -4.67
C ALA A 12 2.23 0.89 -3.60
N LEU A 13 1.09 1.55 -3.51
CA LEU A 13 0.93 2.62 -2.47
C LEU A 13 0.80 1.98 -1.08
N LEU A 14 0.12 0.85 -0.97
CA LEU A 14 -0.02 0.16 0.36
C LEU A 14 1.35 -0.25 0.90
N SER A 15 2.24 -0.75 0.08
CA SER A 15 3.59 -1.16 0.59
C SER A 15 4.30 0.05 1.21
N CYS A 16 4.12 1.20 0.62
CA CYS A 16 4.77 2.45 1.14
C CYS A 16 4.10 2.88 2.45
N ILE A 17 2.78 2.81 2.54
CA ILE A 17 2.07 3.22 3.80
C ILE A 17 2.08 2.10 4.85
N THR A 18 2.33 0.87 4.46
CA THR A 18 2.36 -0.27 5.45
C THR A 18 3.76 -0.40 6.11
N VAL A 19 4.75 0.35 5.68
CA VAL A 19 6.11 0.25 6.29
C VAL A 19 6.05 0.36 7.84
N PRO A 20 5.40 1.39 8.37
CA PRO A 20 5.30 1.55 9.86
C PRO A 20 4.35 0.53 10.52
N VAL A 21 3.68 -0.32 9.77
CA VAL A 21 2.76 -1.32 10.40
C VAL A 21 3.50 -2.22 11.40
N SER A 22 4.78 -2.45 11.18
CA SER A 22 5.58 -3.31 12.11
C SER A 22 5.53 -2.68 13.52
N ALA A 23 5.71 -1.39 13.57
CA ALA A 23 5.67 -0.65 14.87
C ALA A 23 4.25 -0.73 15.45
N ALA A 24 3.26 -0.64 14.60
CA ALA A 24 1.83 -0.72 15.06
C ALA A 24 1.58 -2.05 15.80
N GLN A 25 2.23 -3.12 15.38
CA GLN A 25 2.06 -4.43 16.07
C GLN A 25 2.88 -4.48 17.36
N VAL A 26 4.02 -3.81 17.39
CA VAL A 26 4.87 -3.81 18.64
C VAL A 26 4.10 -3.12 19.78
N LYS A 27 3.42 -2.06 19.45
CA LYS A 27 2.62 -1.30 20.47
C LYS A 27 1.30 -2.02 20.77
N LYS A 1 -2.43 -7.45 -22.10
CA LYS A 1 -3.32 -6.31 -21.72
C LYS A 1 -3.45 -6.20 -20.20
N LYS A 2 -3.76 -5.03 -19.70
CA LYS A 2 -3.88 -4.83 -18.22
C LYS A 2 -5.34 -5.05 -17.77
N GLY A 3 -5.56 -5.97 -16.85
CA GLY A 3 -6.95 -6.25 -16.36
C GLY A 3 -7.28 -5.31 -15.20
N PHE A 4 -6.50 -5.36 -14.14
CA PHE A 4 -6.77 -4.47 -12.96
C PHE A 4 -5.53 -3.57 -12.73
N PRO A 5 -5.48 -2.47 -13.45
CA PRO A 5 -4.33 -1.52 -13.31
C PRO A 5 -4.45 -0.67 -12.03
N PHE A 6 -5.65 -0.38 -11.59
CA PHE A 6 -5.85 0.44 -10.36
C PHE A 6 -5.36 -0.31 -9.11
N SER A 7 -5.64 -1.59 -9.03
CA SER A 7 -5.19 -2.39 -7.84
C SER A 7 -3.67 -2.44 -7.74
N ILE A 8 -2.97 -2.32 -8.85
CA ILE A 8 -1.47 -2.34 -8.82
C ILE A 8 -0.98 -1.11 -8.05
N PHE A 9 -1.57 0.03 -8.29
CA PHE A 9 -1.16 1.28 -7.55
C PHE A 9 -1.63 1.19 -6.10
N LEU A 10 -2.72 0.52 -5.83
CA LEU A 10 -3.23 0.37 -4.44
C LEU A 10 -2.25 -0.49 -3.64
N LEU A 11 -1.83 -1.59 -4.22
CA LEU A 11 -0.85 -2.49 -3.53
C LEU A 11 0.51 -1.78 -3.49
N ALA A 12 0.91 -1.16 -4.57
CA ALA A 12 2.22 -0.43 -4.59
C ALA A 12 2.17 0.68 -3.54
N LEU A 13 1.08 1.40 -3.47
CA LEU A 13 0.95 2.49 -2.46
C LEU A 13 0.86 1.86 -1.05
N LEU A 14 0.14 0.77 -0.89
CA LEU A 14 0.03 0.12 0.45
C LEU A 14 1.43 -0.23 0.98
N SER A 15 2.32 -0.71 0.14
CA SER A 15 3.71 -1.05 0.59
C SER A 15 4.40 0.21 1.11
N CYS A 16 4.14 1.32 0.46
CA CYS A 16 4.75 2.63 0.88
C CYS A 16 4.16 3.06 2.22
N ILE A 17 2.89 2.77 2.47
CA ILE A 17 2.25 3.16 3.78
C ILE A 17 2.88 2.35 4.91
N THR A 18 3.28 1.13 4.65
CA THR A 18 3.91 0.27 5.69
C THR A 18 5.30 0.81 6.09
N VAL A 19 5.99 1.49 5.19
CA VAL A 19 7.35 2.04 5.52
C VAL A 19 7.32 2.95 6.77
N PRO A 20 6.53 4.01 6.75
CA PRO A 20 6.45 4.91 7.94
C PRO A 20 5.78 4.21 9.14
N VAL A 21 4.86 3.31 8.88
CA VAL A 21 4.17 2.57 9.99
C VAL A 21 5.20 1.71 10.74
N SER A 22 6.05 1.04 10.00
CA SER A 22 7.11 0.19 10.63
C SER A 22 8.16 1.07 11.33
N ALA A 23 8.40 2.24 10.82
CA ALA A 23 9.41 3.16 11.45
C ALA A 23 8.91 3.62 12.83
N ALA A 24 7.61 3.67 13.02
CA ALA A 24 7.02 4.10 14.32
C ALA A 24 6.89 2.89 15.26
N GLN A 25 6.55 1.73 14.72
CA GLN A 25 6.41 0.50 15.57
C GLN A 25 7.75 0.14 16.23
N VAL A 26 8.84 0.26 15.49
CA VAL A 26 10.19 -0.07 16.06
C VAL A 26 10.58 0.96 17.14
N LYS A 27 10.18 2.19 16.95
CA LYS A 27 10.50 3.29 17.93
C LYS A 27 9.79 3.04 19.28
N LYS A 1 -11.92 -0.36 -21.90
CA LYS A 1 -11.91 -1.74 -21.30
C LYS A 1 -12.29 -1.68 -19.81
N LYS A 2 -12.71 -2.79 -19.25
CA LYS A 2 -13.11 -2.82 -17.80
C LYS A 2 -12.33 -3.91 -17.05
N GLY A 3 -12.50 -4.00 -15.75
CA GLY A 3 -11.78 -5.03 -14.95
C GLY A 3 -11.50 -4.47 -13.55
N PHE A 4 -10.29 -4.66 -13.05
CA PHE A 4 -9.94 -4.14 -11.69
C PHE A 4 -8.75 -3.18 -11.78
N PRO A 5 -9.01 -1.99 -12.28
CA PRO A 5 -7.94 -0.96 -12.42
C PRO A 5 -7.61 -0.32 -11.05
N PHE A 6 -6.52 0.42 -10.98
CA PHE A 6 -6.09 1.09 -9.71
C PHE A 6 -5.75 0.06 -8.60
N SER A 7 -5.72 -1.22 -8.90
CA SER A 7 -5.39 -2.24 -7.87
C SER A 7 -3.87 -2.39 -7.75
N ILE A 8 -3.19 -2.37 -8.87
CA ILE A 8 -1.69 -2.48 -8.86
C ILE A 8 -1.10 -1.26 -8.13
N PHE A 9 -1.72 -0.11 -8.26
CA PHE A 9 -1.22 1.12 -7.57
C PHE A 9 -1.62 1.05 -6.10
N LEU A 10 -2.75 0.46 -5.78
CA LEU A 10 -3.18 0.33 -4.37
C LEU A 10 -2.16 -0.52 -3.61
N LEU A 11 -1.69 -1.57 -4.23
CA LEU A 11 -0.66 -2.45 -3.60
C LEU A 11 0.68 -1.73 -3.61
N ALA A 12 1.04 -1.12 -4.73
CA ALA A 12 2.33 -0.37 -4.82
C ALA A 12 2.33 0.73 -3.75
N LEU A 13 1.21 1.39 -3.58
CA LEU A 13 1.10 2.47 -2.54
C LEU A 13 0.97 1.83 -1.16
N LEU A 14 0.27 0.71 -1.05
CA LEU A 14 0.10 0.02 0.27
C LEU A 14 1.46 -0.29 0.92
N SER A 15 2.45 -0.71 0.15
CA SER A 15 3.79 -1.00 0.74
C SER A 15 4.38 0.28 1.36
N CYS A 16 4.08 1.41 0.76
CA CYS A 16 4.57 2.72 1.28
C CYS A 16 3.78 3.16 2.53
N ILE A 17 2.68 2.49 2.85
CA ILE A 17 1.87 2.85 4.05
C ILE A 17 2.17 1.90 5.22
N THR A 18 2.37 0.64 4.93
CA THR A 18 2.68 -0.37 6.00
C THR A 18 4.06 -0.10 6.64
N VAL A 19 5.01 0.41 5.90
CA VAL A 19 6.37 0.69 6.48
C VAL A 19 6.31 1.83 7.54
N PRO A 20 5.77 2.98 7.19
CA PRO A 20 5.67 4.12 8.14
C PRO A 20 4.66 3.91 9.30
N VAL A 21 3.93 2.81 9.33
CA VAL A 21 2.93 2.60 10.43
C VAL A 21 3.62 2.67 11.80
N SER A 22 4.71 1.96 11.96
CA SER A 22 5.45 1.97 13.27
C SER A 22 5.92 3.40 13.59
N ALA A 23 6.35 4.12 12.58
CA ALA A 23 6.82 5.53 12.78
C ALA A 23 5.63 6.42 13.18
N ALA A 24 4.48 6.16 12.62
CA ALA A 24 3.26 6.96 12.97
C ALA A 24 2.91 6.75 14.46
N GLN A 25 3.18 5.58 14.99
CA GLN A 25 2.88 5.30 16.43
C GLN A 25 3.93 5.93 17.35
N VAL A 26 5.15 6.14 16.87
CA VAL A 26 6.22 6.76 17.72
C VAL A 26 6.36 8.28 17.50
N LYS A 27 5.55 8.86 16.63
CA LYS A 27 5.62 10.34 16.35
C LYS A 27 5.32 11.17 17.62
N LYS A 1 -10.60 -13.99 -9.82
CA LYS A 1 -10.17 -12.92 -10.77
C LYS A 1 -11.18 -11.76 -10.73
N LYS A 2 -10.78 -10.64 -10.18
CA LYS A 2 -11.70 -9.46 -10.11
C LYS A 2 -11.30 -8.41 -11.16
N GLY A 3 -12.26 -7.73 -11.74
CA GLY A 3 -11.95 -6.69 -12.77
C GLY A 3 -11.54 -5.38 -12.06
N PHE A 4 -10.44 -5.39 -11.36
CA PHE A 4 -9.98 -4.16 -10.64
C PHE A 4 -8.57 -3.77 -11.12
N PRO A 5 -8.52 -2.96 -12.17
CA PRO A 5 -7.21 -2.50 -12.73
C PRO A 5 -6.54 -1.44 -11.84
N PHE A 6 -7.21 -0.95 -10.83
CA PHE A 6 -6.60 0.09 -9.93
C PHE A 6 -5.99 -0.56 -8.67
N SER A 7 -5.75 -1.86 -8.68
CA SER A 7 -5.16 -2.54 -7.48
C SER A 7 -3.62 -2.51 -7.55
N ILE A 8 -3.07 -2.41 -8.73
CA ILE A 8 -1.57 -2.37 -8.88
C ILE A 8 -1.04 -1.13 -8.16
N PHE A 9 -1.65 0.02 -8.38
CA PHE A 9 -1.21 1.28 -7.71
C PHE A 9 -1.60 1.23 -6.22
N LEU A 10 -2.72 0.60 -5.91
CA LEU A 10 -3.19 0.49 -4.50
C LEU A 10 -2.19 -0.36 -3.72
N LEU A 11 -1.80 -1.48 -4.28
CA LEU A 11 -0.81 -2.37 -3.61
C LEU A 11 0.55 -1.68 -3.61
N ALA A 12 0.93 -1.07 -4.71
CA ALA A 12 2.25 -0.36 -4.78
C ALA A 12 2.25 0.75 -3.72
N LEU A 13 1.14 1.46 -3.57
CA LEU A 13 1.06 2.55 -2.54
C LEU A 13 0.91 1.91 -1.15
N LEU A 14 0.22 0.79 -1.04
CA LEU A 14 0.04 0.12 0.30
C LEU A 14 1.40 -0.26 0.89
N SER A 15 2.33 -0.71 0.06
CA SER A 15 3.69 -1.09 0.56
C SER A 15 4.34 0.10 1.27
N CYS A 16 4.14 1.28 0.73
CA CYS A 16 4.70 2.53 1.33
C CYS A 16 4.00 2.90 2.65
N ILE A 17 2.85 2.31 2.95
CA ILE A 17 2.12 2.65 4.23
C ILE A 17 2.44 1.60 5.30
N THR A 18 2.65 0.38 4.90
CA THR A 18 2.96 -0.72 5.88
C THR A 18 4.40 -0.59 6.42
N VAL A 19 5.33 -0.15 5.61
CA VAL A 19 6.75 0.00 6.10
C VAL A 19 6.82 0.99 7.29
N PRO A 20 6.29 2.20 7.13
CA PRO A 20 6.33 3.20 8.24
C PRO A 20 5.35 2.88 9.38
N VAL A 21 4.55 1.84 9.28
CA VAL A 21 3.58 1.50 10.38
C VAL A 21 4.30 1.30 11.71
N SER A 22 5.54 0.84 11.68
CA SER A 22 6.32 0.62 12.95
C SER A 22 6.49 1.96 13.68
N ALA A 23 6.79 3.00 12.93
CA ALA A 23 6.96 4.36 13.54
C ALA A 23 5.61 4.91 13.98
N ALA A 24 4.57 4.60 13.23
CA ALA A 24 3.19 5.08 13.57
C ALA A 24 2.73 4.46 14.91
N GLN A 25 3.22 3.29 15.23
CA GLN A 25 2.83 2.63 16.52
C GLN A 25 3.68 3.18 17.68
N VAL A 26 4.92 3.53 17.40
CA VAL A 26 5.81 4.10 18.47
C VAL A 26 5.46 5.56 18.71
N LYS A 27 5.42 6.33 17.65
CA LYS A 27 5.08 7.79 17.74
C LYS A 27 3.64 8.01 17.27
N LYS A 1 -16.93 -9.70 -16.19
CA LYS A 1 -15.96 -8.68 -15.70
C LYS A 1 -14.86 -8.43 -16.75
N LYS A 2 -14.00 -7.45 -16.51
CA LYS A 2 -12.90 -7.15 -17.49
C LYS A 2 -11.54 -7.03 -16.77
N GLY A 3 -11.32 -7.80 -15.73
CA GLY A 3 -10.03 -7.73 -14.99
C GLY A 3 -10.19 -6.88 -13.71
N PHE A 4 -9.14 -6.80 -12.94
CA PHE A 4 -9.20 -6.00 -11.67
C PHE A 4 -8.13 -4.89 -11.71
N PRO A 5 -8.45 -3.81 -12.39
CA PRO A 5 -7.49 -2.66 -12.51
C PRO A 5 -7.48 -1.82 -11.22
N PHE A 6 -6.66 -0.77 -11.21
CA PHE A 6 -6.54 0.15 -10.02
C PHE A 6 -6.02 -0.58 -8.75
N SER A 7 -5.59 -1.81 -8.87
CA SER A 7 -5.07 -2.56 -7.67
C SER A 7 -3.54 -2.49 -7.63
N ILE A 8 -2.91 -2.39 -8.77
CA ILE A 8 -1.40 -2.31 -8.82
C ILE A 8 -0.95 -1.05 -8.09
N PHE A 9 -1.62 0.06 -8.29
CA PHE A 9 -1.23 1.33 -7.59
C PHE A 9 -1.68 1.28 -6.13
N LEU A 10 -2.76 0.59 -5.84
CA LEU A 10 -3.26 0.48 -4.43
C LEU A 10 -2.29 -0.39 -3.63
N LEU A 11 -1.88 -1.49 -4.22
CA LEU A 11 -0.91 -2.41 -3.54
C LEU A 11 0.47 -1.74 -3.52
N ALA A 12 0.87 -1.13 -4.62
CA ALA A 12 2.21 -0.44 -4.65
C ALA A 12 2.20 0.67 -3.59
N LEU A 13 1.12 1.44 -3.53
CA LEU A 13 1.03 2.53 -2.52
C LEU A 13 0.90 1.92 -1.12
N LEU A 14 0.18 0.81 -0.98
CA LEU A 14 0.03 0.16 0.36
C LEU A 14 1.41 -0.24 0.91
N SER A 15 2.29 -0.73 0.07
CA SER A 15 3.66 -1.14 0.53
C SER A 15 4.39 0.09 1.10
N CYS A 16 4.11 1.25 0.55
CA CYS A 16 4.74 2.52 1.02
C CYS A 16 4.09 2.99 2.33
N ILE A 17 2.87 2.57 2.63
CA ILE A 17 2.19 3.00 3.89
C ILE A 17 2.53 2.04 5.03
N THR A 18 2.75 0.78 4.73
CA THR A 18 3.08 -0.24 5.77
C THR A 18 4.53 -0.08 6.29
N VAL A 19 5.45 0.37 5.46
CA VAL A 19 6.86 0.55 5.93
C VAL A 19 6.96 1.55 7.10
N PRO A 20 6.43 2.75 6.93
CA PRO A 20 6.48 3.77 8.02
C PRO A 20 5.54 3.46 9.20
N VAL A 21 4.74 2.41 9.13
CA VAL A 21 3.82 2.09 10.28
C VAL A 21 4.62 1.82 11.57
N SER A 22 5.83 1.29 11.43
CA SER A 22 6.68 1.03 12.63
C SER A 22 7.10 2.35 13.27
N ALA A 23 7.44 3.31 12.45
CA ALA A 23 7.85 4.67 12.97
C ALA A 23 6.65 5.41 13.55
N ALA A 24 5.47 5.14 13.03
CA ALA A 24 4.23 5.80 13.53
C ALA A 24 3.90 5.34 14.96
N GLN A 25 4.21 4.11 15.30
CA GLN A 25 3.91 3.61 16.69
C GLN A 25 5.09 3.82 17.64
N VAL A 26 6.31 3.92 17.14
CA VAL A 26 7.49 4.14 18.07
C VAL A 26 7.71 5.63 18.38
N LYS A 27 6.91 6.51 17.82
CA LYS A 27 7.08 7.98 18.08
C LYS A 27 6.32 8.37 19.35
N LYS A 1 -10.99 -5.80 -23.91
CA LYS A 1 -11.98 -5.17 -22.97
C LYS A 1 -11.54 -5.36 -21.52
N LYS A 2 -11.56 -4.31 -20.74
CA LYS A 2 -11.15 -4.40 -19.30
C LYS A 2 -11.68 -3.19 -18.51
N GLY A 3 -11.38 -3.12 -17.23
CA GLY A 3 -11.84 -1.98 -16.39
C GLY A 3 -10.72 -0.96 -16.23
N PHE A 4 -10.33 -0.65 -15.01
CA PHE A 4 -9.23 0.34 -14.78
C PHE A 4 -8.09 -0.31 -13.99
N PRO A 5 -6.87 -0.06 -14.43
CA PRO A 5 -5.68 -0.64 -13.74
C PRO A 5 -5.28 0.22 -12.52
N PHE A 6 -6.07 0.17 -11.47
CA PHE A 6 -5.76 0.98 -10.24
C PHE A 6 -5.35 0.07 -9.06
N SER A 7 -5.76 -1.17 -9.07
CA SER A 7 -5.40 -2.12 -7.95
C SER A 7 -3.89 -2.28 -7.82
N ILE A 8 -3.18 -2.25 -8.93
CA ILE A 8 -1.69 -2.40 -8.87
C ILE A 8 -1.08 -1.21 -8.10
N PHE A 9 -1.66 -0.04 -8.26
CA PHE A 9 -1.15 1.17 -7.53
C PHE A 9 -1.57 1.07 -6.06
N LEU A 10 -2.70 0.46 -5.78
CA LEU A 10 -3.16 0.29 -4.36
C LEU A 10 -2.16 -0.58 -3.61
N LEU A 11 -1.70 -1.64 -4.23
CA LEU A 11 -0.72 -2.56 -3.59
C LEU A 11 0.65 -1.84 -3.53
N ALA A 12 1.05 -1.21 -4.63
CA ALA A 12 2.34 -0.47 -4.66
C ALA A 12 2.30 0.62 -3.59
N LEU A 13 1.19 1.31 -3.48
CA LEU A 13 1.04 2.39 -2.45
C LEU A 13 0.90 1.73 -1.06
N LEU A 14 0.28 0.56 -1.00
CA LEU A 14 0.11 -0.14 0.32
C LEU A 14 1.47 -0.33 0.99
N SER A 15 2.48 -0.75 0.26
CA SER A 15 3.83 -0.93 0.89
C SER A 15 4.38 0.43 1.33
N CYS A 16 4.07 1.45 0.58
CA CYS A 16 4.55 2.84 0.92
C CYS A 16 3.75 3.41 2.11
N ILE A 17 2.51 3.02 2.28
CA ILE A 17 1.69 3.54 3.42
C ILE A 17 1.76 2.62 4.66
N THR A 18 2.34 1.45 4.54
CA THR A 18 2.42 0.52 5.71
C THR A 18 3.42 1.07 6.75
N VAL A 19 4.58 1.52 6.31
CA VAL A 19 5.59 2.08 7.28
C VAL A 19 5.02 3.31 8.02
N PRO A 20 4.51 4.29 7.29
CA PRO A 20 3.94 5.53 7.94
C PRO A 20 2.62 5.27 8.69
N VAL A 21 2.08 4.06 8.65
CA VAL A 21 0.79 3.79 9.39
C VAL A 21 0.92 4.09 10.89
N SER A 22 2.11 4.00 11.43
CA SER A 22 2.33 4.30 12.89
C SER A 22 2.01 5.78 13.15
N ALA A 23 2.45 6.64 12.27
CA ALA A 23 2.20 8.11 12.41
C ALA A 23 0.70 8.41 12.20
N ALA A 24 0.05 7.64 11.37
CA ALA A 24 -1.41 7.86 11.12
C ALA A 24 -2.25 7.36 12.31
N GLN A 25 -1.82 6.29 12.95
CA GLN A 25 -2.58 5.74 14.12
C GLN A 25 -2.47 6.67 15.35
N VAL A 26 -1.29 7.19 15.62
CA VAL A 26 -1.11 8.10 16.81
C VAL A 26 -1.90 9.41 16.61
N LYS A 27 -1.97 9.90 15.40
CA LYS A 27 -2.70 11.17 15.12
C LYS A 27 -4.22 10.93 15.16
N LYS A 1 -7.68 -11.93 -17.43
CA LYS A 1 -7.51 -10.47 -17.10
C LYS A 1 -8.44 -10.05 -15.95
N LYS A 2 -8.44 -8.80 -15.59
CA LYS A 2 -9.33 -8.31 -14.48
C LYS A 2 -10.19 -7.13 -14.96
N GLY A 3 -11.29 -6.88 -14.29
CA GLY A 3 -12.20 -5.75 -14.70
C GLY A 3 -11.48 -4.40 -14.49
N PHE A 4 -11.35 -3.97 -13.26
CA PHE A 4 -10.67 -2.68 -12.96
C PHE A 4 -9.23 -2.94 -12.49
N PRO A 5 -8.26 -2.60 -13.33
CA PRO A 5 -6.83 -2.80 -12.99
C PRO A 5 -6.28 -1.63 -12.16
N PHE A 6 -6.96 -1.26 -11.09
CA PHE A 6 -6.48 -0.13 -10.23
C PHE A 6 -5.84 -0.64 -8.92
N SER A 7 -5.71 -1.95 -8.77
CA SER A 7 -5.10 -2.51 -7.53
C SER A 7 -3.57 -2.44 -7.59
N ILE A 8 -3.01 -2.38 -8.77
CA ILE A 8 -1.52 -2.29 -8.91
C ILE A 8 -0.98 -1.07 -8.16
N PHE A 9 -1.57 0.08 -8.35
CA PHE A 9 -1.12 1.31 -7.65
C PHE A 9 -1.56 1.26 -6.17
N LEU A 10 -2.67 0.60 -5.89
CA LEU A 10 -3.16 0.50 -4.48
C LEU A 10 -2.21 -0.40 -3.70
N LEU A 11 -1.80 -1.49 -4.29
CA LEU A 11 -0.86 -2.43 -3.62
C LEU A 11 0.50 -1.75 -3.53
N ALA A 12 0.92 -1.09 -4.59
CA ALA A 12 2.24 -0.38 -4.57
C ALA A 12 2.19 0.71 -3.49
N LEU A 13 1.10 1.48 -3.46
CA LEU A 13 0.96 2.55 -2.43
C LEU A 13 0.82 1.90 -1.04
N LEU A 14 0.13 0.78 -0.93
CA LEU A 14 -0.02 0.11 0.40
C LEU A 14 1.37 -0.28 0.92
N SER A 15 2.26 -0.76 0.08
CA SER A 15 3.63 -1.13 0.55
C SER A 15 4.35 0.11 1.11
N CYS A 16 4.11 1.24 0.50
CA CYS A 16 4.75 2.52 0.95
C CYS A 16 4.07 3.05 2.23
N ILE A 17 2.78 2.82 2.40
CA ILE A 17 2.07 3.32 3.63
C ILE A 17 2.01 2.25 4.74
N THR A 18 2.42 1.03 4.46
CA THR A 18 2.39 -0.04 5.52
C THR A 18 3.66 0.02 6.38
N VAL A 19 4.82 0.23 5.80
CA VAL A 19 6.08 0.30 6.62
C VAL A 19 6.09 1.49 7.62
N PRO A 20 5.55 2.65 7.26
CA PRO A 20 5.55 3.80 8.22
C PRO A 20 4.54 3.60 9.36
N VAL A 21 3.65 2.64 9.26
CA VAL A 21 2.62 2.41 10.34
C VAL A 21 3.32 2.09 11.69
N SER A 22 4.48 1.50 11.65
CA SER A 22 5.22 1.17 12.92
C SER A 22 5.51 2.44 13.70
N ALA A 23 5.90 3.49 13.00
CA ALA A 23 6.20 4.80 13.66
C ALA A 23 4.91 5.39 14.25
N ALA A 24 3.79 5.12 13.63
CA ALA A 24 2.47 5.65 14.13
C ALA A 24 2.09 4.94 15.44
N GLN A 25 2.52 3.71 15.65
CA GLN A 25 2.17 2.98 16.91
C GLN A 25 3.22 3.25 17.99
N VAL A 26 4.47 3.42 17.62
CA VAL A 26 5.55 3.69 18.64
C VAL A 26 5.56 5.16 19.10
N LYS A 27 4.70 6.00 18.56
CA LYS A 27 4.66 7.44 18.98
C LYS A 27 3.93 7.59 20.33
N LYS A 1 -11.81 -10.86 -21.50
CA LYS A 1 -11.31 -9.45 -21.36
C LYS A 1 -12.00 -8.75 -20.18
N LYS A 2 -11.39 -8.80 -19.01
CA LYS A 2 -11.98 -8.14 -17.80
C LYS A 2 -10.89 -7.77 -16.80
N GLY A 3 -11.25 -7.12 -15.72
CA GLY A 3 -10.24 -6.72 -14.68
C GLY A 3 -9.70 -5.32 -14.98
N PHE A 4 -9.41 -4.55 -13.94
CA PHE A 4 -8.88 -3.17 -14.12
C PHE A 4 -7.52 -3.04 -13.43
N PRO A 5 -6.56 -2.43 -14.10
CA PRO A 5 -5.20 -2.25 -13.52
C PRO A 5 -5.17 -1.12 -12.45
N PHE A 6 -6.06 -1.16 -11.48
CA PHE A 6 -6.08 -0.11 -10.41
C PHE A 6 -5.47 -0.66 -9.11
N SER A 7 -5.68 -1.93 -8.84
CA SER A 7 -5.12 -2.56 -7.61
C SER A 7 -3.59 -2.48 -7.59
N ILE A 8 -2.97 -2.49 -8.75
CA ILE A 8 -1.48 -2.40 -8.83
C ILE A 8 -0.99 -1.10 -8.16
N PHE A 9 -1.69 -0.01 -8.32
CA PHE A 9 -1.28 1.27 -7.67
C PHE A 9 -1.68 1.24 -6.19
N LEU A 10 -2.77 0.57 -5.86
CA LEU A 10 -3.22 0.49 -4.44
C LEU A 10 -2.22 -0.37 -3.66
N LEU A 11 -1.82 -1.48 -4.22
CA LEU A 11 -0.83 -2.36 -3.54
C LEU A 11 0.55 -1.68 -3.56
N ALA A 12 0.91 -1.04 -4.66
CA ALA A 12 2.22 -0.33 -4.73
C ALA A 12 2.22 0.78 -3.66
N LEU A 13 1.14 1.53 -3.57
CA LEU A 13 1.06 2.61 -2.54
C LEU A 13 0.90 1.98 -1.14
N LEU A 14 0.19 0.87 -1.05
CA LEU A 14 0.01 0.20 0.28
C LEU A 14 1.37 -0.22 0.86
N SER A 15 2.28 -0.70 0.03
CA SER A 15 3.64 -1.13 0.53
C SER A 15 4.33 0.05 1.22
N CYS A 16 4.16 1.23 0.66
CA CYS A 16 4.78 2.46 1.25
C CYS A 16 4.18 2.76 2.64
N ILE A 17 2.97 2.31 2.90
CA ILE A 17 2.32 2.56 4.23
C ILE A 17 2.72 1.46 5.22
N THR A 18 2.77 0.25 4.76
CA THR A 18 3.14 -0.91 5.63
C THR A 18 4.65 -0.93 5.97
N VAL A 19 5.51 -0.47 5.07
CA VAL A 19 6.99 -0.48 5.38
C VAL A 19 7.29 0.23 6.72
N PRO A 20 6.87 1.48 6.86
CA PRO A 20 7.11 2.22 8.14
C PRO A 20 6.32 1.60 9.31
N VAL A 21 5.17 1.04 9.03
CA VAL A 21 4.35 0.42 10.11
C VAL A 21 5.08 -0.83 10.63
N SER A 22 5.62 -1.62 9.74
CA SER A 22 6.37 -2.86 10.15
C SER A 22 7.57 -2.47 11.01
N ALA A 23 8.25 -1.42 10.65
CA ALA A 23 9.44 -0.95 11.44
C ALA A 23 8.99 -0.50 12.84
N ALA A 24 7.82 0.04 12.96
CA ALA A 24 7.30 0.49 14.29
C ALA A 24 6.96 -0.74 15.15
N GLN A 25 6.45 -1.77 14.53
CA GLN A 25 6.09 -3.03 15.27
C GLN A 25 7.35 -3.80 15.69
N VAL A 26 8.38 -3.81 14.87
CA VAL A 26 9.65 -4.55 15.23
C VAL A 26 10.48 -3.77 16.28
N LYS A 27 10.13 -2.53 16.55
CA LYS A 27 10.90 -1.73 17.55
C LYS A 27 10.18 -1.77 18.91
N LYS A 1 -6.07 -7.35 -17.54
CA LYS A 1 -5.32 -8.62 -17.25
C LYS A 1 -6.08 -9.45 -16.20
N LYS A 2 -5.50 -10.54 -15.75
CA LYS A 2 -6.18 -11.39 -14.72
C LYS A 2 -6.35 -10.60 -13.40
N GLY A 3 -7.53 -10.64 -12.83
CA GLY A 3 -7.79 -9.90 -11.56
C GLY A 3 -8.44 -8.54 -11.87
N PHE A 4 -8.63 -7.73 -10.86
CA PHE A 4 -9.25 -6.39 -11.06
C PHE A 4 -8.16 -5.33 -11.32
N PRO A 5 -8.38 -4.49 -12.30
CA PRO A 5 -7.38 -3.43 -12.64
C PRO A 5 -7.37 -2.31 -11.58
N PHE A 6 -6.48 -1.35 -11.75
CA PHE A 6 -6.34 -0.21 -10.79
C PHE A 6 -5.96 -0.68 -9.36
N SER A 7 -5.54 -1.92 -9.22
CA SER A 7 -5.14 -2.46 -7.89
C SER A 7 -3.62 -2.38 -7.70
N ILE A 8 -2.88 -2.48 -8.79
CA ILE A 8 -1.38 -2.41 -8.72
C ILE A 8 -0.93 -1.11 -8.04
N PHE A 9 -1.60 -0.01 -8.27
CA PHE A 9 -1.22 1.29 -7.62
C PHE A 9 -1.64 1.27 -6.14
N LEU A 10 -2.75 0.61 -5.83
CA LEU A 10 -3.22 0.54 -4.43
C LEU A 10 -2.26 -0.35 -3.63
N LEU A 11 -1.89 -1.47 -4.19
CA LEU A 11 -0.94 -2.40 -3.52
C LEU A 11 0.43 -1.71 -3.45
N ALA A 12 0.86 -1.09 -4.53
CA ALA A 12 2.17 -0.37 -4.52
C ALA A 12 2.12 0.73 -3.46
N LEU A 13 1.03 1.46 -3.41
CA LEU A 13 0.88 2.54 -2.39
C LEU A 13 0.82 1.91 -0.99
N LEU A 14 0.13 0.80 -0.85
CA LEU A 14 0.03 0.12 0.49
C LEU A 14 1.44 -0.28 0.96
N SER A 15 2.29 -0.73 0.06
CA SER A 15 3.69 -1.12 0.45
C SER A 15 4.42 0.11 0.99
N CYS A 16 4.17 1.25 0.40
CA CYS A 16 4.82 2.53 0.84
C CYS A 16 4.31 2.96 2.23
N ILE A 17 3.25 2.36 2.73
CA ILE A 17 2.72 2.73 4.08
C ILE A 17 3.22 1.73 5.13
N THR A 18 3.27 0.47 4.76
CA THR A 18 3.75 -0.59 5.70
C THR A 18 5.28 -0.54 5.91
N VAL A 19 6.04 -0.15 4.91
CA VAL A 19 7.53 -0.09 5.08
C VAL A 19 7.93 0.92 6.18
N PRO A 20 7.47 2.15 6.09
CA PRO A 20 7.82 3.18 7.12
C PRO A 20 7.12 2.96 8.47
N VAL A 21 6.17 2.05 8.54
CA VAL A 21 5.45 1.82 9.85
C VAL A 21 6.41 1.26 10.92
N SER A 22 7.43 0.53 10.51
CA SER A 22 8.41 -0.03 11.49
C SER A 22 9.14 1.11 12.21
N ALA A 23 9.46 2.15 11.50
CA ALA A 23 10.16 3.33 12.11
C ALA A 23 9.25 3.99 13.16
N ALA A 24 7.97 3.99 12.92
CA ALA A 24 7.00 4.60 13.88
C ALA A 24 7.02 3.85 15.22
N GLN A 25 7.32 2.57 15.21
CA GLN A 25 7.36 1.80 16.49
C GLN A 25 8.74 1.93 17.15
N VAL A 26 9.77 2.25 16.40
CA VAL A 26 11.15 2.40 16.98
C VAL A 26 11.36 3.85 17.42
N LYS A 27 11.12 4.78 16.52
CA LYS A 27 11.28 6.23 16.84
C LYS A 27 9.95 6.84 17.29
N LYS A 1 -17.19 -8.32 -9.77
CA LYS A 1 -16.50 -8.62 -11.07
C LYS A 1 -15.13 -7.94 -11.14
N LYS A 2 -14.35 -8.25 -12.15
CA LYS A 2 -12.99 -7.63 -12.29
C LYS A 2 -12.85 -7.01 -13.68
N GLY A 3 -11.97 -6.05 -13.85
CA GLY A 3 -11.79 -5.41 -15.20
C GLY A 3 -10.75 -4.30 -15.16
N PHE A 4 -11.00 -3.24 -14.41
CA PHE A 4 -10.01 -2.11 -14.33
C PHE A 4 -8.81 -2.47 -13.44
N PRO A 5 -7.62 -2.19 -13.92
CA PRO A 5 -6.38 -2.49 -13.16
C PRO A 5 -6.07 -1.34 -12.17
N PHE A 6 -6.84 -1.24 -11.11
CA PHE A 6 -6.61 -0.16 -10.09
C PHE A 6 -5.86 -0.67 -8.85
N SER A 7 -5.81 -1.96 -8.65
CA SER A 7 -5.10 -2.53 -7.45
C SER A 7 -3.58 -2.45 -7.60
N ILE A 8 -3.08 -2.35 -8.81
CA ILE A 8 -1.59 -2.26 -9.02
C ILE A 8 -1.00 -1.06 -8.26
N PHE A 9 -1.61 0.09 -8.40
CA PHE A 9 -1.11 1.31 -7.68
C PHE A 9 -1.55 1.26 -6.21
N LEU A 10 -2.64 0.59 -5.91
CA LEU A 10 -3.12 0.48 -4.51
C LEU A 10 -2.15 -0.40 -3.72
N LEU A 11 -1.78 -1.52 -4.28
CA LEU A 11 -0.82 -2.43 -3.59
C LEU A 11 0.54 -1.73 -3.52
N ALA A 12 0.95 -1.08 -4.60
CA ALA A 12 2.26 -0.36 -4.61
C ALA A 12 2.21 0.72 -3.51
N LEU A 13 1.13 1.49 -3.47
CA LEU A 13 1.01 2.55 -2.42
C LEU A 13 0.84 1.89 -1.05
N LEU A 14 0.16 0.77 -0.97
CA LEU A 14 -0.03 0.06 0.35
C LEU A 14 1.32 -0.32 0.94
N SER A 15 2.26 -0.75 0.13
CA SER A 15 3.61 -1.13 0.67
C SER A 15 4.33 0.12 1.20
N CYS A 16 4.11 1.25 0.55
CA CYS A 16 4.75 2.53 0.98
C CYS A 16 4.06 3.05 2.26
N ILE A 17 2.75 2.98 2.31
CA ILE A 17 2.01 3.48 3.52
C ILE A 17 2.05 2.47 4.68
N THR A 18 2.32 1.21 4.42
CA THR A 18 2.37 0.20 5.54
C THR A 18 3.69 0.29 6.34
N VAL A 19 4.72 0.91 5.81
CA VAL A 19 6.02 1.02 6.57
C VAL A 19 5.80 1.76 7.91
N PRO A 20 5.25 2.96 7.88
CA PRO A 20 5.01 3.72 9.14
C PRO A 20 3.93 3.03 9.99
N VAL A 21 3.00 2.34 9.37
CA VAL A 21 1.92 1.62 10.13
C VAL A 21 2.55 0.50 10.97
N SER A 22 3.47 -0.23 10.39
CA SER A 22 4.16 -1.34 11.12
C SER A 22 4.94 -0.77 12.31
N ALA A 23 5.57 0.36 12.11
CA ALA A 23 6.36 1.02 13.21
C ALA A 23 5.43 1.49 14.34
N ALA A 24 4.17 1.73 14.03
CA ALA A 24 3.19 2.18 15.07
C ALA A 24 2.74 0.97 15.91
N GLN A 25 2.56 -0.17 15.29
CA GLN A 25 2.14 -1.39 16.04
C GLN A 25 3.30 -1.95 16.87
N VAL A 26 4.52 -1.88 16.38
CA VAL A 26 5.69 -2.41 17.17
C VAL A 26 6.04 -1.49 18.35
N LYS A 27 5.46 -0.32 18.42
CA LYS A 27 5.76 0.62 19.55
C LYS A 27 4.58 0.63 20.54
N LYS A 1 -12.70 4.56 -19.40
CA LYS A 1 -11.47 3.73 -19.18
C LYS A 1 -11.58 2.37 -19.89
N LYS A 2 -10.46 1.74 -20.17
CA LYS A 2 -10.49 0.41 -20.85
C LYS A 2 -9.67 -0.62 -20.05
N GLY A 3 -10.21 -1.09 -18.95
CA GLY A 3 -9.50 -2.08 -18.10
C GLY A 3 -8.26 -1.45 -17.45
N PHE A 4 -8.44 -0.43 -16.66
CA PHE A 4 -7.27 0.23 -15.99
C PHE A 4 -6.87 -0.55 -14.73
N PRO A 5 -5.59 -0.83 -14.60
CA PRO A 5 -5.09 -1.58 -13.42
C PRO A 5 -4.87 -0.64 -12.21
N PHE A 6 -5.94 -0.29 -11.53
CA PHE A 6 -5.82 0.62 -10.34
C PHE A 6 -5.33 -0.17 -9.12
N SER A 7 -5.75 -1.41 -8.98
CA SER A 7 -5.33 -2.26 -7.82
C SER A 7 -3.80 -2.36 -7.76
N ILE A 8 -3.14 -2.33 -8.90
CA ILE A 8 -1.64 -2.41 -8.93
C ILE A 8 -1.07 -1.22 -8.14
N PHE A 9 -1.63 -0.05 -8.35
CA PHE A 9 -1.15 1.18 -7.62
C PHE A 9 -1.56 1.09 -6.15
N LEU A 10 -2.66 0.44 -5.84
CA LEU A 10 -3.11 0.30 -4.42
C LEU A 10 -2.12 -0.56 -3.65
N LEU A 11 -1.67 -1.63 -4.25
CA LEU A 11 -0.68 -2.52 -3.56
C LEU A 11 0.66 -1.77 -3.47
N ALA A 12 1.07 -1.13 -4.55
CA ALA A 12 2.35 -0.36 -4.53
C ALA A 12 2.22 0.75 -3.47
N LEU A 13 1.08 1.42 -3.45
CA LEU A 13 0.86 2.50 -2.45
C LEU A 13 0.80 1.88 -1.05
N LEU A 14 0.11 0.77 -0.89
CA LEU A 14 -0.01 0.09 0.44
C LEU A 14 1.41 -0.26 0.98
N SER A 15 2.31 -0.68 0.11
CA SER A 15 3.69 -1.03 0.58
C SER A 15 4.37 0.24 1.14
N CYS A 16 4.14 1.35 0.51
CA CYS A 16 4.72 2.66 0.97
C CYS A 16 4.12 3.10 2.32
N ILE A 17 3.03 2.49 2.75
CA ILE A 17 2.39 2.87 4.06
C ILE A 17 2.83 1.90 5.16
N THR A 18 3.00 0.65 4.80
CA THR A 18 3.43 -0.39 5.79
C THR A 18 4.92 -0.32 6.14
N VAL A 19 5.79 -0.02 5.21
CA VAL A 19 7.25 0.05 5.55
C VAL A 19 7.62 1.24 6.49
N PRO A 20 7.03 2.42 6.32
CA PRO A 20 7.38 3.55 7.23
C PRO A 20 6.81 3.35 8.64
N VAL A 21 5.62 2.80 8.74
CA VAL A 21 5.00 2.57 10.09
C VAL A 21 5.73 1.45 10.85
N SER A 22 6.23 0.47 10.15
CA SER A 22 6.97 -0.65 10.83
C SER A 22 8.31 -0.12 11.37
N ALA A 23 8.96 0.72 10.60
CA ALA A 23 10.26 1.31 11.03
C ALA A 23 10.04 2.22 12.24
N ALA A 24 9.03 3.05 12.18
CA ALA A 24 8.71 3.98 13.32
C ALA A 24 8.45 3.20 14.61
N GLN A 25 7.95 1.99 14.51
CA GLN A 25 7.69 1.17 15.73
C GLN A 25 9.01 0.61 16.30
N VAL A 26 10.04 0.51 15.49
CA VAL A 26 11.36 -0.02 15.97
C VAL A 26 12.28 1.16 16.32
N LYS A 27 12.47 2.05 15.39
CA LYS A 27 13.35 3.25 15.63
C LYS A 27 12.53 4.50 15.95
N LYS A 1 -10.16 -9.60 -15.69
CA LYS A 1 -11.45 -10.26 -16.06
C LYS A 1 -12.63 -9.30 -15.85
N LYS A 2 -13.04 -8.60 -16.89
CA LYS A 2 -14.19 -7.63 -16.79
C LYS A 2 -13.98 -6.66 -15.61
N GLY A 3 -12.91 -5.92 -15.61
CA GLY A 3 -12.64 -4.95 -14.49
C GLY A 3 -11.23 -4.34 -14.64
N PHE A 4 -11.07 -3.11 -14.24
CA PHE A 4 -9.74 -2.44 -14.34
C PHE A 4 -8.85 -2.84 -13.15
N PRO A 5 -7.60 -3.16 -13.43
CA PRO A 5 -6.66 -3.56 -12.35
C PRO A 5 -6.15 -2.34 -11.56
N PHE A 6 -7.03 -1.69 -10.82
CA PHE A 6 -6.61 -0.49 -10.02
C PHE A 6 -5.75 -0.90 -8.81
N SER A 7 -5.85 -2.14 -8.39
CA SER A 7 -5.05 -2.64 -7.23
C SER A 7 -3.54 -2.55 -7.48
N ILE A 8 -3.11 -2.45 -8.71
CA ILE A 8 -1.63 -2.35 -9.01
C ILE A 8 -1.02 -1.13 -8.29
N PHE A 9 -1.65 0.02 -8.43
CA PHE A 9 -1.12 1.25 -7.76
C PHE A 9 -1.54 1.26 -6.29
N LEU A 10 -2.66 0.64 -5.97
CA LEU A 10 -3.13 0.59 -4.55
C LEU A 10 -2.16 -0.28 -3.75
N LEU A 11 -1.76 -1.40 -4.31
CA LEU A 11 -0.79 -2.29 -3.62
C LEU A 11 0.57 -1.60 -3.60
N ALA A 12 0.95 -0.97 -4.71
CA ALA A 12 2.27 -0.25 -4.75
C ALA A 12 2.25 0.84 -3.66
N LEU A 13 1.15 1.56 -3.55
CA LEU A 13 1.04 2.62 -2.50
C LEU A 13 0.90 1.96 -1.12
N LEU A 14 0.17 0.86 -1.05
CA LEU A 14 -0.01 0.14 0.26
C LEU A 14 1.33 -0.32 0.83
N SER A 15 2.27 -0.73 0.00
CA SER A 15 3.61 -1.18 0.52
C SER A 15 4.29 0.00 1.25
N CYS A 16 4.11 1.19 0.72
CA CYS A 16 4.70 2.41 1.35
C CYS A 16 3.98 2.76 2.66
N ILE A 17 2.80 2.20 2.89
CA ILE A 17 2.03 2.50 4.14
C ILE A 17 2.30 1.41 5.20
N THR A 18 2.47 0.17 4.78
CA THR A 18 2.73 -0.94 5.74
C THR A 18 4.17 -0.93 6.28
N VAL A 19 5.10 -0.26 5.62
CA VAL A 19 6.51 -0.22 6.12
C VAL A 19 6.65 0.72 7.33
N PRO A 20 6.24 1.97 7.19
CA PRO A 20 6.34 2.93 8.32
C PRO A 20 5.40 2.60 9.48
N VAL A 21 4.28 1.97 9.22
CA VAL A 21 3.33 1.62 10.32
C VAL A 21 3.98 0.62 11.30
N SER A 22 4.89 -0.19 10.82
CA SER A 22 5.58 -1.18 11.70
C SER A 22 6.41 -0.42 12.74
N ALA A 23 7.10 0.61 12.30
CA ALA A 23 7.92 1.44 13.23
C ALA A 23 7.00 2.28 14.11
N ALA A 24 5.87 2.70 13.59
CA ALA A 24 4.89 3.51 14.38
C ALA A 24 4.40 2.70 15.59
N GLN A 25 4.31 1.39 15.47
CA GLN A 25 3.84 0.53 16.60
C GLN A 25 4.97 0.40 17.63
N VAL A 26 6.20 0.30 17.18
CA VAL A 26 7.37 0.16 18.12
C VAL A 26 7.98 1.52 18.51
N LYS A 27 7.44 2.62 18.03
CA LYS A 27 7.98 3.97 18.35
C LYS A 27 7.98 4.26 19.86
N LYS A 1 -16.81 3.64 -12.76
CA LYS A 1 -16.06 3.00 -11.64
C LYS A 1 -16.13 1.46 -11.75
N LYS A 2 -15.53 0.91 -12.79
CA LYS A 2 -15.54 -0.58 -12.98
C LYS A 2 -14.42 -1.00 -13.94
N GLY A 3 -13.64 -1.98 -13.57
CA GLY A 3 -12.52 -2.46 -14.44
C GLY A 3 -11.46 -1.36 -14.60
N PHE A 4 -11.00 -0.80 -13.50
CA PHE A 4 -9.97 0.28 -13.57
C PHE A 4 -8.62 -0.28 -13.11
N PRO A 5 -7.57 0.03 -13.86
CA PRO A 5 -6.20 -0.44 -13.52
C PRO A 5 -5.64 0.36 -12.33
N PHE A 6 -6.26 0.24 -11.18
CA PHE A 6 -5.79 0.98 -9.97
C PHE A 6 -5.33 0.01 -8.85
N SER A 7 -5.77 -1.23 -8.90
CA SER A 7 -5.37 -2.22 -7.84
C SER A 7 -3.84 -2.38 -7.79
N ILE A 8 -3.18 -2.28 -8.93
CA ILE A 8 -1.69 -2.41 -8.96
C ILE A 8 -1.09 -1.24 -8.16
N PHE A 9 -1.65 -0.06 -8.33
CA PHE A 9 -1.16 1.15 -7.59
C PHE A 9 -1.57 1.04 -6.11
N LEU A 10 -2.69 0.42 -5.82
CA LEU A 10 -3.14 0.27 -4.40
C LEU A 10 -2.12 -0.57 -3.64
N LEU A 11 -1.67 -1.64 -4.24
CA LEU A 11 -0.66 -2.53 -3.58
C LEU A 11 0.68 -1.78 -3.53
N ALA A 12 1.05 -1.14 -4.63
CA ALA A 12 2.33 -0.37 -4.66
C ALA A 12 2.26 0.73 -3.59
N LEU A 13 1.13 1.41 -3.49
CA LEU A 13 0.99 2.48 -2.45
C LEU A 13 0.86 1.84 -1.06
N LEU A 14 0.23 0.69 -0.95
CA LEU A 14 0.06 0.04 0.38
C LEU A 14 1.44 -0.26 0.98
N SER A 15 2.39 -0.74 0.20
CA SER A 15 3.75 -1.02 0.76
C SER A 15 4.39 0.27 1.29
N CYS A 16 4.10 1.37 0.62
CA CYS A 16 4.65 2.70 1.05
C CYS A 16 3.87 3.27 2.24
N ILE A 17 2.59 2.95 2.39
CA ILE A 17 1.80 3.48 3.55
C ILE A 17 1.73 2.48 4.72
N THR A 18 2.02 1.23 4.49
CA THR A 18 1.99 0.21 5.60
C THR A 18 3.20 0.39 6.52
N VAL A 19 4.36 0.66 5.97
CA VAL A 19 5.59 0.86 6.82
C VAL A 19 5.39 2.02 7.82
N PRO A 20 5.01 3.19 7.33
CA PRO A 20 4.81 4.37 8.23
C PRO A 20 3.56 4.25 9.13
N VAL A 21 2.76 3.21 9.02
CA VAL A 21 1.55 3.08 9.90
C VAL A 21 1.94 3.05 11.39
N SER A 22 3.12 2.57 11.69
CA SER A 22 3.59 2.51 13.12
C SER A 22 3.68 3.93 13.69
N ALA A 23 4.14 4.86 12.88
CA ALA A 23 4.25 6.29 13.31
C ALA A 23 2.91 7.04 13.13
N ALA A 24 1.98 6.47 12.40
CA ALA A 24 0.66 7.14 12.19
C ALA A 24 -0.23 6.97 13.43
N GLN A 25 -0.29 5.79 13.99
CA GLN A 25 -1.14 5.57 15.21
C GLN A 25 -0.54 6.29 16.44
N VAL A 26 0.77 6.39 16.52
CA VAL A 26 1.41 7.08 17.69
C VAL A 26 1.41 8.61 17.52
N LYS A 27 0.93 9.12 16.40
CA LYS A 27 0.89 10.61 16.18
C LYS A 27 -0.54 11.12 16.34
N LYS A 1 -12.53 -15.59 -10.54
CA LYS A 1 -11.15 -15.07 -10.31
C LYS A 1 -11.17 -13.54 -10.07
N LYS A 2 -10.05 -12.98 -9.67
CA LYS A 2 -10.00 -11.50 -9.42
C LYS A 2 -9.44 -10.77 -10.66
N GLY A 3 -10.14 -9.77 -11.13
CA GLY A 3 -9.69 -9.00 -12.32
C GLY A 3 -10.14 -7.54 -12.19
N PHE A 4 -9.55 -6.81 -11.27
CA PHE A 4 -9.94 -5.38 -11.06
C PHE A 4 -8.73 -4.47 -11.29
N PRO A 5 -8.90 -3.46 -12.13
CA PRO A 5 -7.79 -2.51 -12.42
C PRO A 5 -7.59 -1.53 -11.25
N PHE A 6 -6.59 -0.67 -11.37
CA PHE A 6 -6.27 0.33 -10.28
C PHE A 6 -5.85 -0.35 -8.96
N SER A 7 -5.61 -1.65 -8.96
CA SER A 7 -5.18 -2.34 -7.71
C SER A 7 -3.66 -2.39 -7.63
N ILE A 8 -3.01 -2.38 -8.77
CA ILE A 8 -1.51 -2.42 -8.80
C ILE A 8 -0.95 -1.17 -8.08
N PHE A 9 -1.55 -0.01 -8.30
CA PHE A 9 -1.07 1.23 -7.62
C PHE A 9 -1.54 1.20 -6.16
N LEU A 10 -2.67 0.58 -5.90
CA LEU A 10 -3.20 0.47 -4.50
C LEU A 10 -2.25 -0.40 -3.69
N LEU A 11 -1.84 -1.51 -4.26
CA LEU A 11 -0.88 -2.44 -3.58
C LEU A 11 0.48 -1.74 -3.48
N ALA A 12 0.91 -1.08 -4.54
CA ALA A 12 2.23 -0.36 -4.52
C ALA A 12 2.15 0.71 -3.43
N LEU A 13 1.05 1.46 -3.41
CA LEU A 13 0.87 2.51 -2.36
C LEU A 13 0.79 1.83 -0.98
N LEU A 14 0.14 0.69 -0.91
CA LEU A 14 0.02 -0.05 0.40
C LEU A 14 1.42 -0.38 0.94
N SER A 15 2.34 -0.75 0.08
CA SER A 15 3.73 -1.07 0.53
C SER A 15 4.42 0.21 1.04
N CYS A 16 4.13 1.32 0.43
CA CYS A 16 4.73 2.63 0.86
C CYS A 16 4.08 3.12 2.15
N ILE A 17 2.79 2.86 2.34
CA ILE A 17 2.10 3.32 3.59
C ILE A 17 2.18 2.29 4.73
N THR A 18 2.68 1.10 4.47
CA THR A 18 2.79 0.06 5.54
C THR A 18 4.19 0.06 6.20
N VAL A 19 5.21 0.52 5.52
CA VAL A 19 6.58 0.53 6.13
C VAL A 19 6.74 1.64 7.21
N PRO A 20 6.08 2.79 7.08
CA PRO A 20 6.23 3.84 8.11
C PRO A 20 5.43 3.52 9.37
N VAL A 21 4.33 2.81 9.23
CA VAL A 21 3.49 2.44 10.42
C VAL A 21 4.29 1.56 11.41
N SER A 22 5.22 0.78 10.91
CA SER A 22 6.06 -0.08 11.80
C SER A 22 6.95 0.81 12.68
N ALA A 23 7.43 1.89 12.12
CA ALA A 23 8.31 2.84 12.87
C ALA A 23 7.50 3.67 13.87
N ALA A 24 6.19 3.67 13.78
CA ALA A 24 5.34 4.47 14.72
C ALA A 24 5.34 3.84 16.13
N GLN A 25 5.18 2.54 16.22
CA GLN A 25 5.16 1.85 17.55
C GLN A 25 6.57 1.80 18.17
N VAL A 26 7.61 1.74 17.37
CA VAL A 26 9.01 1.69 17.94
C VAL A 26 9.53 3.09 18.33
N LYS A 27 8.76 4.14 18.13
CA LYS A 27 9.20 5.52 18.49
C LYS A 27 8.65 5.91 19.88
N LYS A 1 -5.66 -6.57 -14.49
CA LYS A 1 -6.26 -7.64 -15.33
C LYS A 1 -7.63 -7.19 -15.86
N LYS A 2 -8.25 -8.00 -16.70
CA LYS A 2 -9.59 -7.64 -17.27
C LYS A 2 -10.68 -7.96 -16.23
N GLY A 3 -10.86 -7.10 -15.26
CA GLY A 3 -11.90 -7.34 -14.21
C GLY A 3 -11.77 -6.28 -13.11
N PHE A 4 -10.72 -6.36 -12.32
CA PHE A 4 -10.52 -5.37 -11.22
C PHE A 4 -9.17 -4.65 -11.40
N PRO A 5 -9.18 -3.63 -12.22
CA PRO A 5 -7.93 -2.84 -12.48
C PRO A 5 -7.73 -1.76 -11.40
N PHE A 6 -6.75 -0.89 -11.59
CA PHE A 6 -6.45 0.21 -10.62
C PHE A 6 -6.05 -0.33 -9.23
N SER A 7 -5.77 -1.61 -9.11
CA SER A 7 -5.37 -2.20 -7.79
C SER A 7 -3.85 -2.29 -7.68
N ILE A 8 -3.17 -2.50 -8.79
CA ILE A 8 -1.68 -2.60 -8.79
C ILE A 8 -1.05 -1.35 -8.14
N PHE A 9 -1.61 -0.18 -8.37
CA PHE A 9 -1.08 1.08 -7.75
C PHE A 9 -1.46 1.08 -6.27
N LEU A 10 -2.61 0.55 -5.93
CA LEU A 10 -3.06 0.49 -4.51
C LEU A 10 -2.09 -0.38 -3.72
N LEU A 11 -1.68 -1.49 -4.29
CA LEU A 11 -0.70 -2.39 -3.61
C LEU A 11 0.62 -1.64 -3.47
N ALA A 12 1.06 -0.96 -4.53
CA ALA A 12 2.32 -0.18 -4.46
C ALA A 12 2.14 0.88 -3.36
N LEU A 13 1.00 1.53 -3.35
CA LEU A 13 0.70 2.57 -2.31
C LEU A 13 0.69 1.88 -0.93
N LEU A 14 0.11 0.69 -0.87
CA LEU A 14 0.03 -0.08 0.43
C LEU A 14 1.43 -0.47 0.93
N SER A 15 2.38 -0.68 0.05
CA SER A 15 3.76 -1.05 0.50
C SER A 15 4.46 0.19 1.08
N CYS A 16 4.17 1.33 0.53
CA CYS A 16 4.77 2.62 1.01
C CYS A 16 4.15 3.02 2.36
N ILE A 17 2.85 2.91 2.50
CA ILE A 17 2.17 3.29 3.80
C ILE A 17 2.58 2.34 4.94
N THR A 18 3.00 1.13 4.62
CA THR A 18 3.41 0.16 5.68
C THR A 18 4.82 0.53 6.22
N VAL A 19 5.64 1.19 5.43
CA VAL A 19 7.01 1.57 5.89
C VAL A 19 6.94 2.40 7.20
N PRO A 20 6.20 3.49 7.19
CA PRO A 20 6.07 4.34 8.43
C PRO A 20 5.34 3.56 9.54
N VAL A 21 4.50 2.62 9.19
CA VAL A 21 3.76 1.82 10.21
C VAL A 21 4.76 0.94 10.98
N SER A 22 5.67 0.32 10.26
CA SER A 22 6.70 -0.56 10.91
C SER A 22 7.62 0.30 11.81
N ALA A 23 7.89 1.52 11.40
CA ALA A 23 8.76 2.43 12.21
C ALA A 23 8.05 2.89 13.50
N ALA A 24 6.74 2.83 13.51
CA ALA A 24 5.95 3.25 14.72
C ALA A 24 6.30 2.40 15.96
N GLN A 25 6.74 1.17 15.78
CA GLN A 25 7.10 0.31 16.97
C GLN A 25 8.33 0.88 17.70
N VAL A 26 9.17 1.64 17.02
CA VAL A 26 10.39 2.22 17.69
C VAL A 26 10.18 3.71 17.94
N LYS A 27 9.95 4.44 16.87
CA LYS A 27 9.73 5.92 16.98
C LYS A 27 8.24 6.23 17.22
N LYS A 1 -14.89 -6.56 -17.81
CA LYS A 1 -13.92 -6.48 -18.95
C LYS A 1 -12.58 -5.92 -18.47
N LYS A 2 -11.49 -6.33 -19.09
CA LYS A 2 -10.15 -5.82 -18.69
C LYS A 2 -9.89 -4.45 -19.31
N GLY A 3 -9.32 -3.54 -18.56
CA GLY A 3 -9.04 -2.17 -19.10
C GLY A 3 -7.68 -1.69 -18.57
N PHE A 4 -7.68 -1.01 -17.44
CA PHE A 4 -6.40 -0.50 -16.86
C PHE A 4 -6.21 -1.06 -15.44
N PRO A 5 -5.00 -1.47 -15.12
CA PRO A 5 -4.72 -2.03 -13.77
C PRO A 5 -4.75 -0.92 -12.71
N PHE A 6 -5.84 -0.82 -11.98
CA PHE A 6 -5.96 0.24 -10.94
C PHE A 6 -5.52 -0.30 -9.56
N SER A 7 -5.75 -1.57 -9.32
CA SER A 7 -5.35 -2.18 -8.01
C SER A 7 -3.83 -2.31 -7.88
N ILE A 8 -3.12 -2.32 -8.98
CA ILE A 8 -1.61 -2.43 -8.91
C ILE A 8 -1.04 -1.24 -8.12
N PHE A 9 -1.60 -0.07 -8.27
CA PHE A 9 -1.11 1.14 -7.53
C PHE A 9 -1.57 1.05 -6.07
N LEU A 10 -2.69 0.42 -5.81
CA LEU A 10 -3.20 0.29 -4.39
C LEU A 10 -2.22 -0.55 -3.61
N LEU A 11 -1.73 -1.62 -4.20
CA LEU A 11 -0.74 -2.50 -3.51
C LEU A 11 0.61 -1.75 -3.43
N ALA A 12 1.00 -1.11 -4.50
CA ALA A 12 2.29 -0.34 -4.50
C ALA A 12 2.18 0.76 -3.43
N LEU A 13 1.08 1.46 -3.40
CA LEU A 13 0.89 2.54 -2.38
C LEU A 13 0.79 1.91 -0.98
N LEU A 14 0.15 0.77 -0.85
CA LEU A 14 0.04 0.11 0.50
C LEU A 14 1.45 -0.26 1.01
N SER A 15 2.33 -0.68 0.15
CA SER A 15 3.72 -1.03 0.60
C SER A 15 4.45 0.23 1.09
N CYS A 16 4.15 1.35 0.48
CA CYS A 16 4.78 2.65 0.87
C CYS A 16 4.24 3.14 2.22
N ILE A 17 2.98 2.87 2.52
CA ILE A 17 2.39 3.34 3.83
C ILE A 17 2.73 2.37 4.97
N THR A 18 3.02 1.12 4.66
CA THR A 18 3.36 0.13 5.73
C THR A 18 4.81 0.33 6.22
N VAL A 19 5.69 0.84 5.39
CA VAL A 19 7.11 1.05 5.83
C VAL A 19 7.18 2.01 7.03
N PRO A 20 6.61 3.20 6.90
CA PRO A 20 6.62 4.17 8.04
C PRO A 20 5.79 3.66 9.22
N VAL A 21 4.79 2.86 8.97
CA VAL A 21 3.95 2.31 10.09
C VAL A 21 4.78 1.32 10.92
N SER A 22 5.67 0.60 10.27
CA SER A 22 6.55 -0.37 10.99
C SER A 22 7.59 0.39 11.81
N ALA A 23 8.11 1.46 11.27
CA ALA A 23 9.14 2.29 11.99
C ALA A 23 8.51 2.94 13.23
N ALA A 24 7.21 3.15 13.22
CA ALA A 24 6.52 3.76 14.39
C ALA A 24 6.28 2.66 15.45
N GLN A 25 5.97 1.47 15.02
CA GLN A 25 5.72 0.33 15.96
C GLN A 25 7.04 -0.11 16.63
N VAL A 26 8.13 -0.12 15.89
CA VAL A 26 9.45 -0.53 16.47
C VAL A 26 10.03 0.55 17.42
N LYS A 27 9.44 1.73 17.45
CA LYS A 27 9.96 2.82 18.33
C LYS A 27 9.03 2.98 19.55
N LYS A 1 -17.25 -5.81 -16.35
CA LYS A 1 -16.41 -5.29 -15.21
C LYS A 1 -15.63 -4.05 -15.64
N LYS A 2 -15.18 -3.26 -14.70
CA LYS A 2 -14.41 -2.02 -15.04
C LYS A 2 -12.96 -2.38 -15.41
N GLY A 3 -12.45 -1.81 -16.49
CA GLY A 3 -11.05 -2.10 -16.91
C GLY A 3 -10.13 -0.99 -16.40
N PHE A 4 -9.89 -0.95 -15.11
CA PHE A 4 -9.00 0.12 -14.54
C PHE A 4 -7.81 -0.52 -13.79
N PRO A 5 -6.62 -0.24 -14.26
CA PRO A 5 -5.39 -0.79 -13.62
C PRO A 5 -5.01 0.04 -12.37
N PHE A 6 -5.85 0.05 -11.37
CA PHE A 6 -5.56 0.83 -10.13
C PHE A 6 -5.22 -0.10 -8.94
N SER A 7 -5.48 -1.38 -9.05
CA SER A 7 -5.17 -2.32 -7.94
C SER A 7 -3.65 -2.38 -7.70
N ILE A 8 -2.89 -2.46 -8.77
CA ILE A 8 -1.39 -2.50 -8.63
C ILE A 8 -0.92 -1.19 -7.96
N PHE A 9 -1.58 -0.09 -8.25
CA PHE A 9 -1.21 1.23 -7.65
C PHE A 9 -1.60 1.21 -6.17
N LEU A 10 -2.72 0.62 -5.83
CA LEU A 10 -3.16 0.55 -4.40
C LEU A 10 -2.22 -0.38 -3.64
N LEU A 11 -1.85 -1.48 -4.27
CA LEU A 11 -0.91 -2.46 -3.64
C LEU A 11 0.45 -1.76 -3.51
N ALA A 12 0.91 -1.11 -4.56
CA ALA A 12 2.21 -0.38 -4.50
C ALA A 12 2.10 0.70 -3.41
N LEU A 13 0.97 1.39 -3.38
CA LEU A 13 0.77 2.45 -2.34
C LEU A 13 0.72 1.80 -0.95
N LEU A 14 0.10 0.64 -0.83
CA LEU A 14 0.03 -0.05 0.50
C LEU A 14 1.45 -0.40 1.00
N SER A 15 2.35 -0.73 0.10
CA SER A 15 3.75 -1.05 0.52
C SER A 15 4.45 0.23 0.97
N CYS A 16 4.14 1.33 0.35
CA CYS A 16 4.77 2.64 0.72
C CYS A 16 4.17 3.18 2.03
N ILE A 17 2.88 2.98 2.24
CA ILE A 17 2.24 3.47 3.51
C ILE A 17 2.48 2.53 4.69
N THR A 18 2.79 1.28 4.44
CA THR A 18 3.04 0.32 5.58
C THR A 18 4.47 0.49 6.14
N VAL A 19 5.39 1.08 5.40
CA VAL A 19 6.78 1.26 5.93
C VAL A 19 6.77 2.13 7.22
N PRO A 20 6.18 3.31 7.17
CA PRO A 20 6.13 4.18 8.39
C PRO A 20 5.27 3.55 9.49
N VAL A 21 4.27 2.79 9.11
CA VAL A 21 3.38 2.12 10.11
C VAL A 21 4.21 1.09 10.90
N SER A 22 5.00 0.32 10.21
CA SER A 22 5.87 -0.71 10.87
C SER A 22 6.88 -0.02 11.80
N ALA A 23 7.41 1.10 11.37
CA ALA A 23 8.41 1.87 12.20
C ALA A 23 7.75 2.38 13.48
N ALA A 24 6.49 2.72 13.42
CA ALA A 24 5.76 3.22 14.62
C ALA A 24 5.57 2.08 15.63
N GLN A 25 5.35 0.88 15.14
CA GLN A 25 5.16 -0.30 16.04
C GLN A 25 6.50 -0.77 16.64
N VAL A 26 7.58 -0.65 15.91
CA VAL A 26 8.92 -1.09 16.45
C VAL A 26 9.51 -0.06 17.43
N LYS A 27 8.91 1.11 17.52
CA LYS A 27 9.43 2.17 18.44
C LYS A 27 8.52 2.27 19.69
N LYS A 1 -12.30 -9.74 -21.45
CA LYS A 1 -11.45 -9.90 -20.24
C LYS A 1 -10.64 -8.61 -19.99
N LYS A 2 -11.31 -7.59 -19.52
CA LYS A 2 -10.63 -6.29 -19.23
C LYS A 2 -11.32 -5.56 -18.07
N GLY A 3 -10.68 -4.55 -17.52
CA GLY A 3 -11.28 -3.79 -16.38
C GLY A 3 -10.39 -2.62 -15.97
N PHE A 4 -10.48 -2.19 -14.74
CA PHE A 4 -9.63 -1.05 -14.26
C PHE A 4 -8.38 -1.59 -13.53
N PRO A 5 -7.23 -1.37 -14.11
CA PRO A 5 -5.95 -1.85 -13.51
C PRO A 5 -5.43 -0.83 -12.47
N PHE A 6 -6.20 -0.60 -11.43
CA PHE A 6 -5.76 0.37 -10.36
C PHE A 6 -5.28 -0.36 -9.10
N SER A 7 -5.57 -1.63 -8.96
CA SER A 7 -5.13 -2.41 -7.75
C SER A 7 -3.60 -2.40 -7.64
N ILE A 8 -2.92 -2.43 -8.77
CA ILE A 8 -1.42 -2.42 -8.75
C ILE A 8 -0.92 -1.12 -8.09
N PHE A 9 -1.61 -0.02 -8.29
CA PHE A 9 -1.21 1.28 -7.66
C PHE A 9 -1.61 1.26 -6.18
N LEU A 10 -2.71 0.61 -5.86
CA LEU A 10 -3.19 0.53 -4.44
C LEU A 10 -2.21 -0.35 -3.66
N LEU A 11 -1.88 -1.49 -4.21
CA LEU A 11 -0.91 -2.41 -3.53
C LEU A 11 0.46 -1.74 -3.49
N ALA A 12 0.88 -1.13 -4.57
CA ALA A 12 2.21 -0.43 -4.58
C ALA A 12 2.17 0.66 -3.51
N LEU A 13 1.07 1.38 -3.42
CA LEU A 13 0.93 2.45 -2.38
C LEU A 13 0.90 1.76 -1.00
N LEU A 14 0.08 0.72 -0.85
CA LEU A 14 -0.01 -0.01 0.46
C LEU A 14 1.38 -0.49 0.93
N SER A 15 2.33 -0.65 0.04
CA SER A 15 3.70 -1.07 0.46
C SER A 15 4.49 0.15 0.95
N CYS A 16 4.09 1.33 0.54
CA CYS A 16 4.76 2.60 0.94
C CYS A 16 4.06 3.26 2.14
N ILE A 17 2.76 3.10 2.28
CA ILE A 17 2.04 3.76 3.44
C ILE A 17 2.39 3.05 4.77
N THR A 18 2.90 1.85 4.70
CA THR A 18 3.28 1.08 5.94
C THR A 18 4.52 1.68 6.62
N VAL A 19 5.36 2.39 5.91
CA VAL A 19 6.58 2.99 6.53
C VAL A 19 6.22 4.21 7.40
N PRO A 20 5.54 5.20 6.84
CA PRO A 20 5.16 6.41 7.62
C PRO A 20 4.02 6.15 8.62
N VAL A 21 3.39 4.99 8.60
CA VAL A 21 2.28 4.73 9.56
C VAL A 21 2.81 4.72 11.01
N SER A 22 4.01 4.21 11.21
CA SER A 22 4.61 4.19 12.58
C SER A 22 4.88 5.62 13.03
N ALA A 23 5.34 6.45 12.13
CA ALA A 23 5.64 7.88 12.45
C ALA A 23 4.34 8.62 12.78
N ALA A 24 3.26 8.26 12.14
CA ALA A 24 1.94 8.91 12.41
C ALA A 24 1.49 8.58 13.85
N GLN A 25 1.74 7.36 14.28
CA GLN A 25 1.35 6.94 15.67
C GLN A 25 2.25 7.63 16.70
N VAL A 26 3.52 7.80 16.41
CA VAL A 26 4.45 8.48 17.38
C VAL A 26 4.38 10.02 17.25
N LYS A 27 3.62 10.53 16.30
CA LYS A 27 3.51 12.01 16.11
C LYS A 27 2.25 12.55 16.82
N LYS A 1 -17.17 -0.59 -14.91
CA LYS A 1 -16.79 -1.80 -15.73
C LYS A 1 -15.52 -2.46 -15.17
N LYS A 2 -15.19 -3.63 -15.67
CA LYS A 2 -13.97 -4.36 -15.18
C LYS A 2 -12.93 -4.44 -16.30
N GLY A 3 -11.66 -4.51 -15.95
CA GLY A 3 -10.59 -4.59 -16.99
C GLY A 3 -9.38 -3.73 -16.59
N PHE A 4 -9.58 -2.57 -16.02
CA PHE A 4 -8.43 -1.70 -15.62
C PHE A 4 -7.74 -2.21 -14.35
N PRO A 5 -6.43 -2.25 -14.37
CA PRO A 5 -5.63 -2.72 -13.20
C PRO A 5 -5.42 -1.58 -12.20
N PHE A 6 -6.35 -1.37 -11.30
CA PHE A 6 -6.22 -0.27 -10.29
C PHE A 6 -5.51 -0.77 -9.02
N SER A 7 -5.68 -2.03 -8.70
CA SER A 7 -5.03 -2.62 -7.48
C SER A 7 -3.51 -2.52 -7.55
N ILE A 8 -2.95 -2.46 -8.75
CA ILE A 8 -1.46 -2.35 -8.88
C ILE A 8 -0.94 -1.08 -8.20
N PHE A 9 -1.63 0.03 -8.32
CA PHE A 9 -1.18 1.29 -7.67
C PHE A 9 -1.63 1.28 -6.20
N LEU A 10 -2.72 0.61 -5.90
CA LEU A 10 -3.22 0.53 -4.49
C LEU A 10 -2.24 -0.32 -3.69
N LEU A 11 -1.83 -1.43 -4.25
CA LEU A 11 -0.86 -2.33 -3.55
C LEU A 11 0.50 -1.64 -3.54
N ALA A 12 0.89 -1.02 -4.63
CA ALA A 12 2.21 -0.30 -4.67
C ALA A 12 2.20 0.79 -3.60
N LEU A 13 1.11 1.53 -3.51
CA LEU A 13 1.02 2.59 -2.47
C LEU A 13 0.90 1.95 -1.09
N LEU A 14 0.13 0.87 -0.97
CA LEU A 14 -0.03 0.18 0.36
C LEU A 14 1.35 -0.26 0.89
N SER A 15 2.23 -0.73 0.03
CA SER A 15 3.59 -1.17 0.48
C SER A 15 4.31 0.02 1.13
N CYS A 16 4.14 1.19 0.54
CA CYS A 16 4.78 2.44 1.08
C CYS A 16 4.17 2.79 2.44
N ILE A 17 2.87 2.59 2.61
CA ILE A 17 2.20 2.92 3.92
C ILE A 17 2.72 1.99 5.02
N THR A 18 2.99 0.76 4.70
CA THR A 18 3.50 -0.23 5.71
C THR A 18 4.99 0.01 6.02
N VAL A 19 5.73 0.69 5.16
CA VAL A 19 7.19 0.94 5.43
C VAL A 19 7.36 1.64 6.80
N PRO A 20 6.73 2.79 7.00
CA PRO A 20 6.86 3.51 8.30
C PRO A 20 6.20 2.71 9.44
N VAL A 21 5.23 1.88 9.12
CA VAL A 21 4.54 1.07 10.18
C VAL A 21 5.54 0.06 10.77
N SER A 22 6.25 -0.64 9.90
CA SER A 22 7.26 -1.63 10.36
C SER A 22 8.38 -0.94 11.14
N ALA A 23 8.75 0.24 10.72
CA ALA A 23 9.83 1.02 11.43
C ALA A 23 9.37 1.34 12.85
N ALA A 24 8.11 1.66 13.01
CA ALA A 24 7.56 2.00 14.36
C ALA A 24 7.49 0.73 15.23
N GLN A 25 7.24 -0.41 14.64
CA GLN A 25 7.17 -1.69 15.43
C GLN A 25 8.57 -2.09 15.94
N VAL A 26 9.61 -1.73 15.22
CA VAL A 26 11.00 -2.09 15.66
C VAL A 26 11.44 -1.13 16.78
N LYS A 27 11.02 0.11 16.68
CA LYS A 27 11.40 1.13 17.72
C LYS A 27 10.45 1.06 18.92
N LYS A 1 -14.33 -9.37 -19.08
CA LYS A 1 -14.12 -8.87 -17.68
C LYS A 1 -12.79 -8.10 -17.58
N LYS A 2 -12.68 -7.01 -18.31
CA LYS A 2 -11.43 -6.19 -18.27
C LYS A 2 -11.76 -4.72 -17.97
N GLY A 3 -10.92 -4.05 -17.22
CA GLY A 3 -11.18 -2.61 -16.87
C GLY A 3 -9.85 -1.85 -16.81
N PHE A 4 -9.51 -1.36 -15.63
CA PHE A 4 -8.23 -0.59 -15.48
C PHE A 4 -7.33 -1.25 -14.42
N PRO A 5 -6.06 -1.38 -14.75
CA PRO A 5 -5.08 -2.00 -13.81
C PRO A 5 -4.64 -0.98 -12.74
N PHE A 6 -5.53 -0.62 -11.85
CA PHE A 6 -5.20 0.35 -10.77
C PHE A 6 -5.01 -0.34 -9.41
N SER A 7 -5.40 -1.59 -9.30
CA SER A 7 -5.24 -2.33 -8.00
C SER A 7 -3.74 -2.39 -7.66
N ILE A 8 -2.90 -2.58 -8.65
CA ILE A 8 -1.43 -2.64 -8.41
C ILE A 8 -0.96 -1.28 -7.86
N PHE A 9 -1.62 -0.20 -8.25
CA PHE A 9 -1.24 1.16 -7.74
C PHE A 9 -1.60 1.22 -6.25
N LEU A 10 -2.72 0.65 -5.86
CA LEU A 10 -3.13 0.64 -4.42
C LEU A 10 -2.20 -0.30 -3.67
N LEU A 11 -1.84 -1.39 -4.28
CA LEU A 11 -0.91 -2.37 -3.65
C LEU A 11 0.45 -1.67 -3.52
N ALA A 12 0.89 -1.00 -4.56
CA ALA A 12 2.19 -0.25 -4.51
C ALA A 12 2.06 0.82 -3.42
N LEU A 13 0.94 1.51 -3.38
CA LEU A 13 0.71 2.56 -2.33
C LEU A 13 0.73 1.88 -0.95
N LEU A 14 0.11 0.73 -0.83
CA LEU A 14 0.09 -0.01 0.49
C LEU A 14 1.51 -0.40 0.90
N SER A 15 2.37 -0.74 -0.02
CA SER A 15 3.78 -1.10 0.36
C SER A 15 4.51 0.12 0.92
N CYS A 16 4.15 1.30 0.45
CA CYS A 16 4.79 2.55 0.93
C CYS A 16 4.21 2.94 2.31
N ILE A 17 2.93 2.73 2.52
CA ILE A 17 2.30 3.08 3.84
C ILE A 17 2.48 1.97 4.89
N THR A 18 2.78 0.77 4.48
CA THR A 18 2.97 -0.35 5.48
C THR A 18 4.35 -0.26 6.15
N VAL A 19 5.33 0.39 5.54
CA VAL A 19 6.69 0.48 6.17
C VAL A 19 6.61 1.20 7.54
N PRO A 20 6.02 2.40 7.59
CA PRO A 20 5.90 3.14 8.88
C PRO A 20 4.95 2.41 9.83
N VAL A 21 3.96 1.74 9.30
CA VAL A 21 2.99 0.98 10.16
C VAL A 21 3.73 -0.15 10.87
N SER A 22 4.62 -0.82 10.18
CA SER A 22 5.40 -1.93 10.79
C SER A 22 6.34 -1.37 11.87
N ALA A 23 6.91 -0.21 11.62
CA ALA A 23 7.83 0.43 12.61
C ALA A 23 7.06 0.77 13.90
N ALA A 24 5.81 1.13 13.77
CA ALA A 24 4.98 1.46 14.97
C ALA A 24 4.69 0.17 15.74
N GLN A 25 4.51 -0.92 15.05
CA GLN A 25 4.23 -2.24 15.72
C GLN A 25 5.50 -2.78 16.39
N VAL A 26 6.65 -2.60 15.78
CA VAL A 26 7.94 -3.11 16.39
C VAL A 26 8.45 -2.17 17.50
N LYS A 27 7.77 -1.07 17.75
CA LYS A 27 8.22 -0.12 18.82
C LYS A 27 7.74 -0.61 20.20
N LYS A 1 -4.10 -12.08 -20.37
CA LYS A 1 -5.36 -11.68 -19.66
C LYS A 1 -5.39 -10.16 -19.46
N LYS A 2 -6.51 -9.54 -19.71
CA LYS A 2 -6.63 -8.06 -19.55
C LYS A 2 -6.91 -7.71 -18.07
N GLY A 3 -6.38 -6.62 -17.59
CA GLY A 3 -6.61 -6.22 -16.17
C GLY A 3 -6.56 -4.69 -16.04
N PHE A 4 -7.26 -4.15 -15.07
CA PHE A 4 -7.26 -2.67 -14.88
C PHE A 4 -6.12 -2.24 -13.95
N PRO A 5 -5.40 -1.19 -14.34
CA PRO A 5 -4.27 -0.68 -13.53
C PRO A 5 -4.78 0.14 -12.32
N PHE A 6 -5.52 -0.49 -11.43
CA PHE A 6 -6.05 0.21 -10.22
C PHE A 6 -5.50 -0.42 -8.96
N SER A 7 -5.76 -1.70 -8.76
CA SER A 7 -5.25 -2.41 -7.54
C SER A 7 -3.71 -2.46 -7.54
N ILE A 8 -3.11 -2.42 -8.71
CA ILE A 8 -1.61 -2.45 -8.81
C ILE A 8 -1.06 -1.19 -8.11
N PHE A 9 -1.69 -0.06 -8.37
CA PHE A 9 -1.24 1.22 -7.73
C PHE A 9 -1.61 1.20 -6.25
N LEU A 10 -2.73 0.57 -5.90
CA LEU A 10 -3.16 0.48 -4.47
C LEU A 10 -2.16 -0.38 -3.71
N LEU A 11 -1.78 -1.49 -4.28
CA LEU A 11 -0.78 -2.40 -3.63
C LEU A 11 0.58 -1.70 -3.62
N ALA A 12 0.96 -1.12 -4.75
CA ALA A 12 2.28 -0.40 -4.81
C ALA A 12 2.27 0.71 -3.76
N LEU A 13 1.17 1.42 -3.63
CA LEU A 13 1.07 2.50 -2.60
C LEU A 13 1.02 1.87 -1.21
N LEU A 14 0.21 0.83 -1.03
CA LEU A 14 0.11 0.14 0.30
C LEU A 14 1.50 -0.27 0.83
N SER A 15 2.41 -0.63 -0.05
CA SER A 15 3.79 -1.01 0.40
C SER A 15 4.45 0.12 1.19
N CYS A 16 4.06 1.34 0.92
CA CYS A 16 4.64 2.53 1.64
C CYS A 16 3.73 2.95 2.82
N ILE A 17 2.57 2.37 2.97
CA ILE A 17 1.64 2.75 4.10
C ILE A 17 1.63 1.69 5.21
N THR A 18 2.28 0.57 5.02
CA THR A 18 2.26 -0.49 6.08
C THR A 18 3.64 -0.68 6.76
N VAL A 19 4.72 -0.79 6.01
CA VAL A 19 6.07 -1.00 6.64
C VAL A 19 6.83 0.30 6.97
N PRO A 20 7.05 1.18 6.01
CA PRO A 20 7.81 2.45 6.27
C PRO A 20 7.09 3.45 7.22
N VAL A 21 5.91 3.15 7.69
CA VAL A 21 5.18 4.10 8.61
C VAL A 21 6.04 4.45 9.84
N SER A 22 6.84 3.51 10.30
CA SER A 22 7.73 3.79 11.49
C SER A 22 8.69 4.93 11.17
N ALA A 23 9.27 4.91 9.99
CA ALA A 23 10.22 5.98 9.56
C ALA A 23 9.47 7.30 9.37
N ALA A 24 8.23 7.24 8.94
CA ALA A 24 7.41 8.48 8.76
C ALA A 24 7.16 9.15 10.12
N GLN A 25 7.00 8.36 11.16
CA GLN A 25 6.75 8.92 12.53
C GLN A 25 8.04 9.50 13.13
N VAL A 26 9.18 8.90 12.86
CA VAL A 26 10.47 9.43 13.43
C VAL A 26 11.00 10.63 12.62
N LYS A 27 10.37 10.99 11.53
CA LYS A 27 10.84 12.16 10.72
C LYS A 27 9.91 13.37 10.94
N LYS A 1 -0.80 -11.89 -11.40
CA LYS A 1 -2.10 -11.95 -12.15
C LYS A 1 -3.25 -11.44 -11.26
N LYS A 2 -4.14 -10.67 -11.81
CA LYS A 2 -5.30 -10.12 -11.01
C LYS A 2 -6.47 -9.77 -11.94
N GLY A 3 -7.69 -9.90 -11.43
CA GLY A 3 -8.89 -9.57 -12.25
C GLY A 3 -9.30 -8.11 -12.04
N PHE A 4 -9.51 -7.71 -10.81
CA PHE A 4 -9.91 -6.29 -10.54
C PHE A 4 -8.74 -5.33 -10.83
N PRO A 5 -8.97 -4.38 -11.70
CA PRO A 5 -7.91 -3.38 -12.06
C PRO A 5 -7.77 -2.31 -10.98
N PHE A 6 -6.89 -1.34 -11.21
CA PHE A 6 -6.64 -0.23 -10.23
C PHE A 6 -6.11 -0.75 -8.87
N SER A 7 -5.73 -2.01 -8.80
CA SER A 7 -5.20 -2.56 -7.51
C SER A 7 -3.67 -2.50 -7.50
N ILE A 8 -3.05 -2.58 -8.66
CA ILE A 8 -1.54 -2.51 -8.72
C ILE A 8 -1.06 -1.19 -8.11
N PHE A 9 -1.71 -0.09 -8.42
CA PHE A 9 -1.29 1.23 -7.84
C PHE A 9 -1.66 1.27 -6.34
N LEU A 10 -2.74 0.62 -5.96
CA LEU A 10 -3.16 0.60 -4.52
C LEU A 10 -2.18 -0.28 -3.75
N LEU A 11 -1.84 -1.42 -4.30
CA LEU A 11 -0.86 -2.34 -3.63
C LEU A 11 0.50 -1.65 -3.61
N ALA A 12 0.89 -1.05 -4.72
CA ALA A 12 2.20 -0.33 -4.78
C ALA A 12 2.17 0.80 -3.73
N LEU A 13 1.07 1.51 -3.66
CA LEU A 13 0.93 2.63 -2.67
C LEU A 13 0.88 2.04 -1.25
N LEU A 14 0.23 0.90 -1.06
CA LEU A 14 0.15 0.29 0.30
C LEU A 14 1.53 -0.22 0.76
N SER A 15 2.45 -0.51 -0.14
CA SER A 15 3.80 -1.01 0.28
C SER A 15 4.47 0.02 1.20
N CYS A 16 4.22 1.28 0.99
CA CYS A 16 4.80 2.35 1.86
C CYS A 16 3.97 2.52 3.14
N ILE A 17 2.72 2.13 3.13
CA ILE A 17 1.84 2.26 4.34
C ILE A 17 1.92 1.02 5.24
N THR A 18 2.57 -0.04 4.82
CA THR A 18 2.69 -1.29 5.64
C THR A 18 3.22 -0.99 7.06
N VAL A 19 4.07 0.01 7.21
CA VAL A 19 4.63 0.35 8.56
C VAL A 19 3.62 1.19 9.36
N PRO A 20 3.20 2.34 8.84
CA PRO A 20 2.22 3.21 9.57
C PRO A 20 0.81 2.61 9.67
N VAL A 21 0.53 1.48 9.03
CA VAL A 21 -0.85 0.88 9.10
C VAL A 21 -1.24 0.57 10.55
N SER A 22 -0.31 0.10 11.35
CA SER A 22 -0.60 -0.23 12.77
C SER A 22 -0.85 1.07 13.56
N ALA A 23 -0.10 2.10 13.23
CA ALA A 23 -0.26 3.42 13.92
C ALA A 23 -1.61 4.06 13.58
N ALA A 24 -2.15 3.74 12.43
CA ALA A 24 -3.48 4.30 12.02
C ALA A 24 -4.59 3.60 12.83
N GLN A 25 -4.46 2.29 13.01
CA GLN A 25 -5.49 1.53 13.80
C GLN A 25 -5.38 1.84 15.29
N VAL A 26 -4.18 2.02 15.81
CA VAL A 26 -4.04 2.32 17.29
C VAL A 26 -4.37 3.80 17.60
N LYS A 27 -4.69 4.60 16.58
CA LYS A 27 -5.03 6.03 16.82
C LYS A 27 -6.46 6.17 17.35
N LYS A 1 -4.91 -5.27 -25.64
CA LYS A 1 -5.72 -4.11 -25.13
C LYS A 1 -5.33 -3.76 -23.69
N LYS A 2 -5.87 -2.68 -23.16
CA LYS A 2 -5.53 -2.27 -21.77
C LYS A 2 -6.81 -1.99 -20.96
N GLY A 3 -6.90 -2.53 -19.77
CA GLY A 3 -8.10 -2.31 -18.91
C GLY A 3 -7.80 -1.22 -17.87
N PHE A 4 -8.23 -1.42 -16.65
CA PHE A 4 -7.96 -0.40 -15.58
C PHE A 4 -7.00 -0.98 -14.53
N PRO A 5 -5.73 -0.66 -14.68
CA PRO A 5 -4.70 -1.16 -13.72
C PRO A 5 -4.63 -0.23 -12.50
N PHE A 6 -5.62 -0.29 -11.64
CA PHE A 6 -5.64 0.58 -10.42
C PHE A 6 -5.25 -0.22 -9.16
N SER A 7 -5.58 -1.51 -9.15
CA SER A 7 -5.24 -2.38 -7.97
C SER A 7 -3.73 -2.45 -7.78
N ILE A 8 -2.98 -2.42 -8.85
CA ILE A 8 -1.48 -2.49 -8.75
C ILE A 8 -0.98 -1.24 -8.00
N PHE A 9 -1.59 -0.10 -8.27
CA PHE A 9 -1.20 1.17 -7.59
C PHE A 9 -1.64 1.12 -6.12
N LEU A 10 -2.74 0.45 -5.82
CA LEU A 10 -3.23 0.33 -4.41
C LEU A 10 -2.22 -0.47 -3.60
N LEU A 11 -1.76 -1.57 -4.15
CA LEU A 11 -0.76 -2.41 -3.44
C LEU A 11 0.58 -1.67 -3.40
N ALA A 12 0.97 -1.06 -4.51
CA ALA A 12 2.26 -0.29 -4.54
C ALA A 12 2.16 0.84 -3.49
N LEU A 13 1.03 1.51 -3.46
CA LEU A 13 0.83 2.61 -2.46
C LEU A 13 0.79 2.00 -1.04
N LEU A 14 0.09 0.89 -0.88
CA LEU A 14 0.01 0.22 0.46
C LEU A 14 1.42 -0.22 0.90
N SER A 15 2.25 -0.66 -0.02
CA SER A 15 3.64 -1.09 0.34
C SER A 15 4.39 0.09 0.97
N CYS A 16 4.18 1.27 0.46
CA CYS A 16 4.84 2.50 1.00
C CYS A 16 4.28 2.85 2.39
N ILE A 17 3.08 2.41 2.73
CA ILE A 17 2.48 2.72 4.07
C ILE A 17 2.93 1.69 5.10
N THR A 18 3.15 0.48 4.69
CA THR A 18 3.59 -0.61 5.63
C THR A 18 5.10 -0.48 5.94
N VAL A 19 5.88 0.14 5.06
CA VAL A 19 7.35 0.29 5.31
C VAL A 19 7.61 1.05 6.64
N PRO A 20 7.03 2.23 6.79
CA PRO A 20 7.24 3.02 8.04
C PRO A 20 6.59 2.36 9.27
N VAL A 21 5.71 1.42 9.10
CA VAL A 21 5.05 0.75 10.27
C VAL A 21 6.10 0.00 11.09
N SER A 22 7.00 -0.69 10.44
CA SER A 22 8.08 -1.43 11.17
C SER A 22 9.04 -0.45 11.85
N ALA A 23 9.25 0.69 11.24
CA ALA A 23 10.17 1.72 11.85
C ALA A 23 9.52 2.40 13.06
N ALA A 24 8.23 2.24 13.25
CA ALA A 24 7.54 2.88 14.42
C ALA A 24 7.93 2.23 15.76
N GLN A 25 8.44 1.01 15.74
CA GLN A 25 8.86 0.33 17.02
C GLN A 25 9.95 1.12 17.78
N VAL A 26 10.71 1.95 17.08
CA VAL A 26 11.79 2.76 17.75
C VAL A 26 11.27 3.52 18.98
N LYS A 27 10.06 4.02 18.90
CA LYS A 27 9.44 4.77 20.04
C LYS A 27 8.58 3.81 20.87
N LYS A 1 -4.67 -10.95 -8.19
CA LYS A 1 -5.33 -11.50 -9.41
C LYS A 1 -5.44 -10.41 -10.50
N LYS A 2 -6.14 -10.68 -11.57
CA LYS A 2 -6.29 -9.67 -12.67
C LYS A 2 -7.72 -9.13 -12.70
N GLY A 3 -7.89 -7.83 -12.63
CA GLY A 3 -9.26 -7.24 -12.66
C GLY A 3 -9.19 -5.71 -12.77
N PHE A 4 -9.36 -5.02 -11.67
CA PHE A 4 -9.32 -3.51 -11.69
C PHE A 4 -7.89 -3.02 -11.97
N PRO A 5 -7.78 -2.04 -12.86
CA PRO A 5 -6.44 -1.47 -13.20
C PRO A 5 -5.90 -0.50 -12.13
N PHE A 6 -6.55 -0.41 -10.99
CA PHE A 6 -6.08 0.51 -9.91
C PHE A 6 -5.47 -0.28 -8.73
N SER A 7 -5.76 -1.56 -8.62
CA SER A 7 -5.19 -2.38 -7.50
C SER A 7 -3.66 -2.40 -7.56
N ILE A 8 -3.11 -2.36 -8.76
CA ILE A 8 -1.62 -2.36 -8.92
C ILE A 8 -1.04 -1.11 -8.24
N PHE A 9 -1.73 0.01 -8.34
CA PHE A 9 -1.26 1.27 -7.69
C PHE A 9 -1.61 1.22 -6.20
N LEU A 10 -2.72 0.58 -5.86
CA LEU A 10 -3.14 0.47 -4.43
C LEU A 10 -2.14 -0.43 -3.70
N LEU A 11 -1.77 -1.53 -4.31
CA LEU A 11 -0.78 -2.47 -3.70
C LEU A 11 0.59 -1.78 -3.68
N ALA A 12 0.98 -1.16 -4.77
CA ALA A 12 2.31 -0.44 -4.82
C ALA A 12 2.31 0.65 -3.74
N LEU A 13 1.20 1.35 -3.59
CA LEU A 13 1.11 2.42 -2.55
C LEU A 13 0.95 1.79 -1.16
N LEU A 14 0.28 0.66 -1.06
CA LEU A 14 0.07 -0.02 0.27
C LEU A 14 1.41 -0.31 0.94
N SER A 15 2.42 -0.76 0.20
CA SER A 15 3.74 -1.04 0.82
C SER A 15 4.33 0.25 1.42
N CYS A 16 4.08 1.36 0.75
CA CYS A 16 4.59 2.68 1.23
C CYS A 16 3.74 3.20 2.41
N ILE A 17 2.46 2.89 2.45
CA ILE A 17 1.60 3.37 3.58
C ILE A 17 1.54 2.38 4.77
N THR A 18 2.18 1.25 4.70
CA THR A 18 2.15 0.25 5.84
C THR A 18 2.39 0.93 7.21
N VAL A 19 3.37 1.80 7.30
CA VAL A 19 3.64 2.49 8.61
C VAL A 19 2.60 3.59 8.88
N PRO A 20 2.44 4.54 7.97
CA PRO A 20 1.43 5.64 8.17
C PRO A 20 -0.04 5.18 8.07
N VAL A 21 -0.31 3.92 7.82
CA VAL A 21 -1.74 3.43 7.72
C VAL A 21 -2.55 3.81 8.97
N SER A 22 -1.98 3.68 10.14
CA SER A 22 -2.71 4.02 11.41
C SER A 22 -2.92 5.55 11.50
N ALA A 23 -1.96 6.30 11.01
CA ALA A 23 -2.08 7.80 11.04
C ALA A 23 -3.13 8.28 10.02
N ALA A 24 -3.38 7.50 9.00
CA ALA A 24 -4.39 7.87 7.96
C ALA A 24 -5.81 7.51 8.44
N GLN A 25 -5.97 6.39 9.10
CA GLN A 25 -7.33 5.97 9.60
C GLN A 25 -7.82 6.96 10.67
N VAL A 26 -6.93 7.49 11.49
CA VAL A 26 -7.37 8.45 12.55
C VAL A 26 -7.66 9.85 11.95
N LYS A 27 -7.04 10.17 10.85
CA LYS A 27 -7.27 11.50 10.20
C LYS A 27 -8.42 11.40 9.18
#